data_4KH9
#
_entry.id   4KH9
#
_cell.length_a   53.807
_cell.length_b   62.975
_cell.length_c   70.632
_cell.angle_alpha   64.130
_cell.angle_beta   82.940
_cell.angle_gamma   67.170
#
_symmetry.space_group_name_H-M   'P 1'
#
loop_
_entity.id
_entity.type
_entity.pdbx_description
1 polymer 'hypothetical protein'
2 non-polymer 'CALCIUM ION'
3 non-polymer DI(HYDROXYETHYL)ETHER
4 non-polymer 'PENTAETHYLENE GLYCOL'
5 water water
#
_entity_poly.entity_id   1
_entity_poly.type   'polypeptide(L)'
_entity_poly.pdbx_seq_one_letter_code
;GFTLPRQPTKAYECENCSQLSRENLHDKWEITNEPLNNNISNVRRSYGYKERISLEQLQRGVIISTLAPGAVVRITPLQN
KSIPELLIKTPKNQLLPLKEASSLYNQDDEVGNNPLAITKHQA(MSE)LQIKPELGYGKFILKSKDITNKYADAY(MSE)
ISVLDKFSITYLEVETDSLHYQYGDKLKATISLHNDITEYDVNDVDARLVGPKGQVISLNLTKLKSNVFEGTATLDSELN
DRGENWYLETDVQTEYGQEIIRRSGHTAFSYSIPSASL(MSE)NVKKLSSKPLTFVVTVDVATASRYALQSVLFQKNGKG
EARPIQTSQRAQWLEPGKHVLQFTFDNHNQLSDDNLYLGYLRLIDYGQLKTVYQYNQPVKLSQLVD
;
_entity_poly.pdbx_strand_id   A,B
#
loop_
_chem_comp.id
_chem_comp.type
_chem_comp.name
_chem_comp.formula
1PE non-polymer 'PENTAETHYLENE GLYCOL' 'C10 H22 O6'
CA non-polymer 'CALCIUM ION' 'Ca 2'
PEG non-polymer DI(HYDROXYETHYL)ETHER 'C4 H10 O3'
#
# COMPACT_ATOMS: atom_id res chain seq x y z
N GLY A 1 20.11 34.17 25.84
CA GLY A 1 19.23 33.46 24.91
C GLY A 1 19.96 32.68 23.83
N PHE A 2 19.43 31.49 23.49
CA PHE A 2 20.01 30.63 22.45
C PHE A 2 18.91 30.15 21.51
N THR A 3 19.06 30.46 20.21
CA THR A 3 18.14 30.06 19.14
C THR A 3 18.49 28.64 18.72
N LEU A 4 17.49 27.76 18.71
CA LEU A 4 17.64 26.37 18.34
C LEU A 4 17.44 26.17 16.83
N PRO A 5 17.95 25.08 16.22
CA PRO A 5 17.74 24.87 14.77
C PRO A 5 16.25 24.92 14.40
N ARG A 6 15.87 25.69 13.36
CA ARG A 6 14.47 25.82 12.95
C ARG A 6 13.94 24.53 12.35
N GLN A 7 12.68 24.21 12.65
CA GLN A 7 11.96 23.04 12.13
C GLN A 7 10.52 23.47 11.83
N PRO A 8 10.13 23.61 10.54
CA PRO A 8 8.73 23.95 10.24
C PRO A 8 7.77 22.91 10.81
N THR A 9 6.69 23.34 11.45
CA THR A 9 5.75 22.39 12.04
C THR A 9 4.73 21.91 10.99
N LYS A 10 4.13 20.76 11.24
CA LYS A 10 3.13 20.13 10.39
C LYS A 10 1.98 19.63 11.26
N ALA A 11 0.75 19.96 10.89
CA ALA A 11 -0.42 19.51 11.63
C ALA A 11 -0.81 18.09 11.19
N TYR A 12 -1.48 17.35 12.08
CA TYR A 12 -2.01 16.02 11.78
C TYR A 12 -3.39 15.87 12.44
N GLU A 13 -4.23 15.01 11.87
CA GLU A 13 -5.56 14.70 12.38
C GLU A 13 -5.38 13.62 13.41
N CYS A 14 -5.65 13.95 14.68
CA CYS A 14 -5.45 13.04 15.79
C CYS A 14 -6.78 12.64 16.40
N GLU A 15 -7.00 11.32 16.51
CA GLU A 15 -8.23 10.74 17.04
C GLU A 15 -8.14 10.51 18.55
N ASN A 16 -6.95 10.15 19.06
CA ASN A 16 -6.76 9.82 20.47
C ASN A 16 -6.29 11.00 21.34
N CYS A 17 -5.98 12.18 20.74
CA CYS A 17 -5.46 13.35 21.49
C CYS A 17 -6.46 13.83 22.55
N SER A 18 -7.78 13.85 22.25
CA SER A 18 -8.84 14.27 23.18
C SER A 18 -8.84 13.47 24.51
N GLN A 19 -8.38 12.21 24.44
CA GLN A 19 -8.28 11.32 25.59
C GLN A 19 -7.04 11.58 26.46
N LEU A 20 -6.10 12.43 26.00
CA LEU A 20 -4.87 12.66 26.74
C LEU A 20 -5.08 13.60 27.93
N SER A 21 -4.24 13.41 28.95
CA SER A 21 -4.27 14.23 30.15
C SER A 21 -3.99 15.70 29.83
N ARG A 22 -4.67 16.59 30.58
N ARG A 22 -4.65 16.59 30.59
CA ARG A 22 -4.55 18.04 30.49
CA ARG A 22 -4.54 18.03 30.48
C ARG A 22 -3.78 18.57 31.71
C ARG A 22 -3.78 18.57 31.71
N GLU A 23 -3.23 17.66 32.51
CA GLU A 23 -2.48 18.03 33.72
C GLU A 23 -1.12 18.61 33.37
N ASN A 24 -0.81 19.75 33.98
CA ASN A 24 0.50 20.38 33.84
C ASN A 24 1.39 19.74 34.90
N LEU A 25 2.34 18.88 34.48
CA LEU A 25 3.20 18.17 35.41
C LEU A 25 4.67 18.39 35.16
N HIS A 26 5.41 18.52 36.24
CA HIS A 26 6.85 18.64 36.21
C HIS A 26 7.44 17.52 37.04
N ASP A 27 8.38 16.80 36.43
CA ASP A 27 9.11 15.70 37.05
C ASP A 27 10.58 15.92 36.90
N LYS A 28 11.32 15.30 37.79
CA LYS A 28 12.77 15.29 37.89
C LYS A 28 13.18 13.91 38.36
N TRP A 29 14.32 13.43 37.89
CA TRP A 29 14.85 12.16 38.35
C TRP A 29 16.35 12.15 38.24
N GLU A 30 16.97 11.39 39.12
CA GLU A 30 18.42 11.16 39.18
C GLU A 30 18.82 10.24 38.07
N ILE A 31 20.03 10.39 37.53
CA ILE A 31 20.59 9.46 36.55
C ILE A 31 22.10 9.46 36.70
N THR A 32 22.77 8.50 36.05
CA THR A 32 24.23 8.37 36.08
C THR A 32 24.77 8.22 34.65
N ASN A 33 26.09 8.45 34.47
CA ASN A 33 26.79 8.36 33.18
C ASN A 33 26.98 6.91 32.73
N ASN A 39 20.28 1.09 20.31
CA ASN A 39 20.48 0.74 18.90
C ASN A 39 21.08 1.92 18.12
N ILE A 40 22.10 1.62 17.29
CA ILE A 40 22.79 2.61 16.45
C ILE A 40 22.45 2.34 14.98
N SER A 41 22.19 1.06 14.63
CA SER A 41 21.91 0.65 13.26
C SER A 41 20.75 -0.31 13.19
N ASN A 42 19.99 -0.28 12.08
CA ASN A 42 18.88 -1.19 11.87
C ASN A 42 19.29 -2.22 10.81
N VAL A 43 20.61 -2.48 10.65
CA VAL A 43 21.11 -3.52 9.73
C VAL A 43 20.41 -4.84 10.12
N ARG A 44 19.89 -5.54 9.13
CA ARG A 44 19.19 -6.78 9.32
C ARG A 44 19.58 -7.77 8.22
N ARG A 45 19.96 -9.00 8.61
CA ARG A 45 20.25 -10.05 7.66
C ARG A 45 19.12 -11.13 7.67
N SER A 46 18.82 -11.68 6.50
CA SER A 46 17.82 -12.73 6.27
C SER A 46 18.48 -13.88 5.55
N TYR A 47 18.18 -15.09 5.99
CA TYR A 47 18.67 -16.34 5.45
C TYR A 47 17.49 -17.12 4.86
N GLY A 48 16.48 -16.41 4.42
CA GLY A 48 15.31 -17.06 3.84
C GLY A 48 14.44 -16.05 3.16
N TYR A 49 13.21 -16.44 2.90
CA TYR A 49 12.25 -15.56 2.25
C TYR A 49 10.84 -15.87 2.72
N LYS A 50 9.91 -14.94 2.44
CA LYS A 50 8.50 -15.09 2.77
C LYS A 50 7.70 -14.62 1.60
N GLU A 51 6.60 -15.33 1.28
CA GLU A 51 5.73 -14.88 0.21
C GLU A 51 4.29 -15.29 0.46
N ARG A 52 3.37 -14.50 -0.11
CA ARG A 52 1.94 -14.77 -0.10
C ARG A 52 1.64 -15.53 -1.33
N ILE A 53 0.90 -16.61 -1.22
CA ILE A 53 0.52 -17.44 -2.35
C ILE A 53 -1.00 -17.71 -2.30
N SER A 54 -1.60 -17.96 -3.45
CA SER A 54 -3.02 -18.25 -3.50
C SER A 54 -3.25 -19.73 -3.58
N LEU A 55 -4.48 -20.16 -3.33
CA LEU A 55 -4.91 -21.54 -3.47
C LEU A 55 -4.74 -21.97 -4.96
N GLU A 56 -4.96 -21.05 -5.93
CA GLU A 56 -4.76 -21.32 -7.37
C GLU A 56 -3.28 -21.63 -7.66
N GLN A 57 -2.35 -20.96 -6.99
CA GLN A 57 -0.93 -21.25 -7.18
C GLN A 57 -0.58 -22.63 -6.57
N LEU A 58 -1.15 -22.94 -5.39
CA LEU A 58 -0.95 -24.24 -4.72
C LEU A 58 -1.43 -25.39 -5.57
N GLN A 59 -2.53 -25.21 -6.32
CA GLN A 59 -3.08 -26.23 -7.17
C GLN A 59 -2.10 -26.56 -8.30
N ARG A 60 -1.49 -25.51 -8.89
CA ARG A 60 -0.51 -25.66 -9.99
C ARG A 60 0.86 -26.10 -9.42
N GLY A 61 1.15 -25.70 -8.18
CA GLY A 61 2.41 -26.00 -7.52
C GLY A 61 3.26 -24.77 -7.37
N VAL A 62 3.79 -24.59 -6.19
CA VAL A 62 4.60 -23.44 -5.79
C VAL A 62 6.06 -23.89 -5.58
N ILE A 63 7.02 -23.12 -6.11
CA ILE A 63 8.43 -23.44 -5.97
C ILE A 63 8.91 -23.05 -4.59
N ILE A 64 9.49 -24.02 -3.86
CA ILE A 64 10.18 -23.81 -2.60
C ILE A 64 11.66 -24.00 -2.95
N SER A 65 12.45 -22.91 -2.94
CA SER A 65 13.86 -22.97 -3.35
C SER A 65 14.77 -22.90 -2.13
N THR A 66 15.65 -23.89 -2.00
CA THR A 66 16.59 -23.97 -0.90
C THR A 66 17.99 -24.11 -1.47
N LEU A 67 18.99 -23.64 -0.72
CA LEU A 67 20.39 -23.69 -1.12
C LEU A 67 21.21 -24.62 -0.22
N ALA A 68 20.62 -25.07 0.89
CA ALA A 68 21.30 -26.02 1.77
C ALA A 68 20.33 -27.02 2.31
N PRO A 69 20.81 -28.20 2.78
CA PRO A 69 19.85 -29.15 3.35
C PRO A 69 19.25 -28.63 4.67
N GLY A 70 18.10 -29.21 5.03
CA GLY A 70 17.48 -28.90 6.30
C GLY A 70 16.84 -27.54 6.43
N ALA A 71 16.26 -27.02 5.33
CA ALA A 71 15.54 -25.77 5.39
C ALA A 71 14.25 -25.96 6.19
N VAL A 72 13.79 -24.87 6.83
CA VAL A 72 12.55 -24.92 7.62
C VAL A 72 11.44 -24.18 6.85
N VAL A 73 10.29 -24.83 6.66
CA VAL A 73 9.17 -24.32 5.88
C VAL A 73 7.91 -24.19 6.76
N ARG A 74 7.24 -23.02 6.66
CA ARG A 74 6.01 -22.74 7.39
CA ARG A 74 6.01 -22.70 7.38
C ARG A 74 4.92 -22.27 6.42
N ILE A 75 3.74 -22.88 6.51
CA ILE A 75 2.59 -22.52 5.68
C ILE A 75 1.42 -22.20 6.61
N THR A 76 0.94 -20.94 6.61
CA THR A 76 -0.18 -20.50 7.46
C THR A 76 -1.27 -19.88 6.59
N PRO A 77 -2.55 -20.19 6.84
CA PRO A 77 -3.62 -19.58 6.04
C PRO A 77 -3.79 -18.11 6.41
N LEU A 78 -4.15 -17.26 5.43
CA LEU A 78 -4.34 -15.82 5.64
C LEU A 78 -5.81 -15.47 5.95
N GLN A 79 -6.67 -16.50 6.01
CA GLN A 79 -8.07 -16.46 6.44
C GLN A 79 -8.25 -17.44 7.56
N ASN A 80 -9.29 -17.28 8.37
CA ASN A 80 -9.54 -18.21 9.46
C ASN A 80 -10.25 -19.47 8.90
N LYS A 81 -9.56 -20.15 7.95
CA LYS A 81 -10.06 -21.34 7.28
C LYS A 81 -8.95 -22.40 7.26
N SER A 82 -9.28 -23.61 6.80
CA SER A 82 -8.32 -24.71 6.79
C SER A 82 -7.32 -24.66 5.61
N ILE A 83 -6.18 -25.33 5.83
CA ILE A 83 -5.07 -25.53 4.90
C ILE A 83 -5.41 -26.82 4.12
N PRO A 84 -5.11 -26.90 2.81
CA PRO A 84 -5.40 -28.16 2.10
C PRO A 84 -4.44 -29.26 2.52
N GLU A 85 -4.72 -30.52 2.13
CA GLU A 85 -3.75 -31.62 2.31
C GLU A 85 -2.66 -31.34 1.30
N LEU A 86 -1.41 -31.32 1.73
CA LEU A 86 -0.34 -30.88 0.87
C LEU A 86 0.60 -32.00 0.45
N LEU A 87 1.14 -31.83 -0.76
CA LEU A 87 2.15 -32.70 -1.35
C LEU A 87 3.42 -31.90 -1.61
N ILE A 88 4.55 -32.57 -1.69
CA ILE A 88 5.80 -31.91 -2.01
C ILE A 88 6.60 -32.80 -3.00
N LYS A 89 7.09 -32.16 -4.04
CA LYS A 89 7.93 -32.78 -5.04
C LYS A 89 9.36 -32.38 -4.71
N THR A 90 10.23 -33.35 -4.52
CA THR A 90 11.63 -33.08 -4.17
C THR A 90 12.41 -32.62 -5.42
N PRO A 91 13.67 -32.14 -5.31
CA PRO A 91 14.42 -31.75 -6.51
C PRO A 91 14.67 -32.97 -7.46
N LYS A 92 14.50 -34.22 -6.98
CA LYS A 92 14.68 -35.45 -7.78
C LYS A 92 13.33 -35.99 -8.28
N ASN A 93 12.27 -35.15 -8.19
CA ASN A 93 10.91 -35.39 -8.71
C ASN A 93 10.20 -36.56 -8.02
N GLN A 94 10.49 -36.75 -6.72
CA GLN A 94 9.77 -37.70 -5.90
C GLN A 94 8.61 -36.96 -5.28
N LEU A 95 7.38 -37.39 -5.56
CA LEU A 95 6.15 -36.79 -5.05
C LEU A 95 5.81 -37.44 -3.73
N LEU A 96 5.80 -36.64 -2.66
CA LEU A 96 5.53 -37.16 -1.33
C LEU A 96 4.41 -36.43 -0.61
N PRO A 97 3.66 -37.12 0.31
CA PRO A 97 2.79 -36.37 1.24
C PRO A 97 3.72 -35.44 2.03
N LEU A 98 3.33 -34.19 2.32
CA LEU A 98 4.23 -33.22 2.97
C LEU A 98 4.94 -33.80 4.22
N LYS A 99 4.19 -34.49 5.08
CA LYS A 99 4.70 -35.14 6.31
C LYS A 99 5.89 -36.06 6.06
N GLU A 100 5.94 -36.76 4.88
CA GLU A 100 7.02 -37.68 4.52
C GLU A 100 8.34 -36.97 4.16
N ALA A 101 8.33 -35.65 3.97
CA ALA A 101 9.54 -34.86 3.74
C ALA A 101 10.17 -34.44 5.07
N SER A 102 9.46 -34.60 6.20
CA SER A 102 9.91 -34.33 7.58
C SER A 102 10.48 -35.59 8.21
N SER A 103 11.21 -35.48 9.34
CA SER A 103 11.80 -36.66 9.98
C SER A 103 10.75 -37.66 10.44
N LEU A 104 11.19 -38.91 10.66
CA LEU A 104 10.38 -39.98 11.22
C LEU A 104 9.85 -39.54 12.60
N TYR A 105 10.72 -38.88 13.38
CA TYR A 105 10.41 -38.31 14.69
C TYR A 105 9.21 -37.34 14.60
N ASN A 106 9.22 -36.37 13.64
CA ASN A 106 8.13 -35.41 13.45
C ASN A 106 6.83 -36.06 12.93
N GLN A 107 6.94 -37.23 12.27
CA GLN A 107 5.79 -37.98 11.74
C GLN A 107 5.15 -38.86 12.79
N ASP A 108 5.87 -39.07 13.90
CA ASP A 108 5.45 -39.97 14.97
C ASP A 108 4.52 -39.29 15.93
N ASP A 109 3.29 -39.81 16.05
CA ASP A 109 2.23 -39.29 16.94
C ASP A 109 2.41 -39.77 18.41
N GLU A 110 3.33 -40.73 18.68
CA GLU A 110 3.52 -41.26 20.04
C GLU A 110 4.87 -40.83 20.68
N VAL A 111 5.29 -39.56 20.47
CA VAL A 111 6.50 -39.02 21.10
C VAL A 111 6.06 -38.08 22.26
N GLY A 112 4.83 -37.56 22.18
CA GLY A 112 4.22 -36.71 23.20
C GLY A 112 4.74 -35.29 23.23
N ASN A 113 6.06 -35.12 23.49
CA ASN A 113 6.73 -33.82 23.55
C ASN A 113 6.83 -33.18 22.16
N ASN A 114 6.80 -34.02 21.09
CA ASN A 114 6.85 -33.65 19.68
C ASN A 114 5.54 -32.93 19.28
N PRO A 115 5.61 -31.73 18.66
CA PRO A 115 4.36 -31.03 18.27
C PRO A 115 3.71 -31.64 17.03
N LEU A 116 2.37 -31.59 16.92
CA LEU A 116 1.64 -32.03 15.73
C LEU A 116 1.79 -30.89 14.70
N ALA A 117 3.01 -30.79 14.13
CA ALA A 117 3.51 -29.71 13.28
C ALA A 117 2.77 -29.57 11.93
N ILE A 118 2.12 -30.63 11.42
CA ILE A 118 1.37 -30.54 10.17
C ILE A 118 -0.07 -30.96 10.46
N THR A 119 -1.00 -29.98 10.33
CA THR A 119 -2.44 -30.15 10.56
C THR A 119 -3.27 -29.41 9.48
N LYS A 120 -4.61 -29.39 9.65
CA LYS A 120 -5.54 -28.68 8.76
C LYS A 120 -5.49 -27.17 9.05
N HIS A 121 -4.93 -26.76 10.21
CA HIS A 121 -4.86 -25.36 10.64
C HIS A 121 -3.54 -24.69 10.23
N GLN A 122 -2.42 -25.44 10.29
CA GLN A 122 -1.07 -24.97 9.99
C GLN A 122 -0.17 -26.15 9.53
N ALA A 123 0.93 -25.85 8.82
CA ALA A 123 1.92 -26.83 8.40
C ALA A 123 3.33 -26.25 8.54
N MSE A 124 4.15 -26.89 9.37
CA MSE A 124 5.55 -26.49 9.58
C MSE A 124 6.44 -27.74 9.57
O MSE A 124 6.07 -28.75 10.17
CB MSE A 124 5.74 -25.69 10.87
CG MSE A 124 7.18 -25.15 11.03
SE MSE A 124 7.35 -23.94 12.55
CE MSE A 124 9.14 -23.18 12.30
N LEU A 125 7.59 -27.67 8.92
CA LEU A 125 8.48 -28.81 8.87
C LEU A 125 9.90 -28.40 8.57
N GLN A 126 10.80 -29.26 8.99
CA GLN A 126 12.19 -29.11 8.59
C GLN A 126 12.42 -30.25 7.59
N ILE A 127 12.92 -29.91 6.41
CA ILE A 127 13.15 -30.89 5.35
C ILE A 127 14.29 -31.81 5.77
N LYS A 128 14.09 -33.15 5.64
CA LYS A 128 15.13 -34.12 5.98
C LYS A 128 16.40 -33.84 5.17
N PRO A 129 17.60 -33.82 5.82
CA PRO A 129 18.85 -33.52 5.11
C PRO A 129 19.13 -34.48 3.94
N GLU A 130 18.56 -35.69 3.97
CA GLU A 130 18.74 -36.72 2.93
C GLU A 130 18.03 -36.34 1.64
N LEU A 131 16.99 -35.48 1.71
CA LEU A 131 16.33 -34.99 0.49
C LEU A 131 17.15 -33.87 -0.16
N GLY A 132 18.25 -33.46 0.47
CA GLY A 132 19.15 -32.42 -0.02
C GLY A 132 18.55 -31.03 -0.19
N TYR A 133 18.91 -30.35 -1.29
CA TYR A 133 18.43 -29.00 -1.54
C TYR A 133 18.18 -28.74 -3.00
N GLY A 134 17.53 -27.63 -3.28
CA GLY A 134 17.24 -27.22 -4.64
C GLY A 134 15.81 -26.76 -4.80
N LYS A 135 15.20 -27.16 -5.91
CA LYS A 135 13.83 -26.73 -6.22
C LYS A 135 12.84 -27.81 -5.80
N PHE A 136 12.07 -27.49 -4.76
CA PHE A 136 10.98 -28.30 -4.24
C PHE A 136 9.72 -27.66 -4.78
N ILE A 137 8.69 -28.47 -5.01
CA ILE A 137 7.41 -27.96 -5.48
C ILE A 137 6.34 -28.36 -4.46
N LEU A 138 5.71 -27.36 -3.84
CA LEU A 138 4.63 -27.55 -2.89
C LEU A 138 3.33 -27.50 -3.66
N LYS A 139 2.49 -28.48 -3.46
CA LYS A 139 1.23 -28.57 -4.22
C LYS A 139 0.10 -29.02 -3.30
N SER A 140 -1.09 -28.57 -3.65
CA SER A 140 -2.32 -28.97 -2.99
C SER A 140 -2.75 -30.31 -3.57
N LYS A 141 -3.32 -31.19 -2.74
CA LYS A 141 -3.80 -32.49 -3.20
C LYS A 141 -5.14 -32.28 -3.97
N ASP A 142 -5.95 -31.33 -3.48
CA ASP A 142 -7.24 -30.95 -4.09
C ASP A 142 -7.58 -29.50 -3.69
N ILE A 143 -8.67 -28.94 -4.21
CA ILE A 143 -9.11 -27.62 -3.81
C ILE A 143 -10.59 -27.75 -3.47
N THR A 144 -11.02 -27.12 -2.39
CA THR A 144 -12.42 -27.10 -1.97
C THR A 144 -12.76 -25.64 -1.62
N ASN A 145 -14.06 -25.33 -1.42
CA ASN A 145 -14.53 -23.99 -1.03
C ASN A 145 -14.36 -23.79 0.50
N LYS A 146 -13.70 -24.74 1.20
CA LYS A 146 -13.45 -24.71 2.66
C LYS A 146 -12.02 -24.27 3.00
N TYR A 147 -11.11 -24.31 2.00
CA TYR A 147 -9.74 -23.93 2.22
C TYR A 147 -9.61 -22.44 2.17
N ALA A 148 -8.57 -21.89 2.81
CA ALA A 148 -8.30 -20.46 2.74
C ALA A 148 -7.97 -20.06 1.30
N ASP A 149 -8.27 -18.82 0.95
CA ASP A 149 -7.96 -18.25 -0.36
C ASP A 149 -6.47 -18.11 -0.59
N ALA A 150 -5.75 -17.75 0.49
CA ALA A 150 -4.32 -17.44 0.42
C ALA A 150 -3.58 -17.90 1.67
N TYR A 151 -2.26 -18.03 1.51
CA TYR A 151 -1.33 -18.53 2.52
C TYR A 151 -0.06 -17.77 2.51
N MSE A 152 0.58 -17.72 3.68
CA MSE A 152 1.91 -17.16 3.84
CA MSE A 152 1.91 -17.16 3.84
C MSE A 152 2.88 -18.32 3.88
O MSE A 152 2.72 -19.22 4.71
CB MSE A 152 2.03 -16.29 5.11
CB MSE A 152 2.01 -16.28 5.10
CG MSE A 152 3.43 -15.66 5.28
CG MSE A 152 3.19 -15.31 5.06
SE MSE A 152 3.88 -14.34 3.94
SE MSE A 152 3.84 -14.69 6.79
CE MSE A 152 2.80 -12.85 4.65
CE MSE A 152 2.13 -14.09 7.61
N ILE A 153 3.83 -18.33 2.96
CA ILE A 153 4.87 -19.35 2.92
C ILE A 153 6.12 -18.69 3.45
N SER A 154 6.73 -19.30 4.44
CA SER A 154 7.98 -18.81 5.01
C SER A 154 9.04 -19.91 4.87
N VAL A 155 10.17 -19.57 4.26
CA VAL A 155 11.26 -20.50 4.06
C VAL A 155 12.48 -19.97 4.76
N LEU A 156 12.96 -20.69 5.77
CA LEU A 156 14.20 -20.38 6.46
C LEU A 156 15.25 -21.37 5.92
N ASP A 157 16.20 -20.85 5.16
CA ASP A 157 17.28 -21.67 4.58
C ASP A 157 18.40 -21.65 5.63
N LYS A 158 18.07 -22.28 6.77
CA LYS A 158 18.81 -22.32 8.01
C LYS A 158 20.31 -22.60 7.83
N PHE A 159 20.68 -23.51 6.89
CA PHE A 159 22.08 -23.85 6.83
C PHE A 159 22.77 -23.29 5.57
N SER A 160 22.11 -22.33 4.90
CA SER A 160 22.68 -21.59 3.78
C SER A 160 23.62 -20.49 4.26
N ILE A 161 24.70 -20.23 3.50
CA ILE A 161 25.63 -19.15 3.85
C ILE A 161 25.24 -17.90 3.00
N THR A 162 24.15 -17.99 2.22
CA THR A 162 23.65 -16.88 1.38
C THR A 162 22.62 -16.09 2.18
N TYR A 163 22.88 -14.79 2.36
CA TYR A 163 21.95 -13.95 3.10
C TYR A 163 21.73 -12.63 2.40
N LEU A 164 20.62 -11.99 2.75
CA LEU A 164 20.24 -10.68 2.27
C LEU A 164 20.47 -9.71 3.38
N GLU A 165 21.21 -8.63 3.13
CA GLU A 165 21.43 -7.60 4.16
C GLU A 165 20.69 -6.29 3.75
N VAL A 166 19.89 -5.73 4.67
CA VAL A 166 19.11 -4.50 4.44
C VAL A 166 19.34 -3.54 5.60
N GLU A 167 19.28 -2.24 5.31
CA GLU A 167 19.38 -1.18 6.33
C GLU A 167 18.90 0.16 5.77
N THR A 168 18.50 1.10 6.64
CA THR A 168 18.13 2.46 6.21
C THR A 168 19.20 3.43 6.77
N ASP A 169 19.34 4.62 6.19
CA ASP A 169 20.40 5.57 6.61
C ASP A 169 20.14 6.18 8.00
N SER A 170 18.92 5.98 8.54
CA SER A 170 18.53 6.49 9.86
C SER A 170 17.52 5.55 10.47
N LEU A 171 17.37 5.64 11.81
CA LEU A 171 16.42 4.85 12.59
C LEU A 171 15.12 5.58 12.71
N HIS A 172 15.20 6.91 12.61
CA HIS A 172 14.06 7.79 12.80
C HIS A 172 14.00 8.83 11.69
N TYR A 173 12.81 9.06 11.18
CA TYR A 173 12.55 10.04 10.14
C TYR A 173 11.34 10.89 10.49
N GLN A 174 11.16 11.98 9.78
CA GLN A 174 10.02 12.85 9.95
C GLN A 174 9.45 13.22 8.57
N TYR A 175 8.27 13.82 8.58
CA TYR A 175 7.55 14.25 7.39
C TYR A 175 8.47 15.03 6.43
N GLY A 176 8.55 14.59 5.19
CA GLY A 176 9.34 15.23 4.17
C GLY A 176 10.76 14.73 4.06
N ASP A 177 11.20 13.86 4.98
CA ASP A 177 12.56 13.33 4.85
C ASP A 177 12.67 12.35 3.69
N LYS A 178 13.85 12.28 3.11
CA LYS A 178 14.17 11.28 2.10
C LYS A 178 14.82 10.10 2.81
N LEU A 179 14.25 8.92 2.63
CA LEU A 179 14.81 7.70 3.18
C LEU A 179 15.73 7.08 2.15
N LYS A 180 16.89 6.59 2.57
CA LYS A 180 17.80 5.85 1.71
C LYS A 180 18.02 4.44 2.30
N ALA A 181 17.81 3.39 1.50
CA ALA A 181 18.02 2.01 1.93
C ALA A 181 19.14 1.37 1.13
N THR A 182 19.85 0.45 1.75
CA THR A 182 20.89 -0.34 1.09
C THR A 182 20.45 -1.77 1.20
N ILE A 183 20.47 -2.50 0.07
CA ILE A 183 20.03 -3.89 -0.05
C ILE A 183 21.16 -4.66 -0.73
N SER A 184 21.72 -5.65 -0.04
CA SER A 184 22.87 -6.42 -0.56
C SER A 184 22.67 -7.91 -0.40
N LEU A 185 23.05 -8.65 -1.43
CA LEU A 185 22.99 -10.11 -1.43
C LEU A 185 24.42 -10.63 -1.28
N HIS A 186 24.67 -11.43 -0.21
CA HIS A 186 26.01 -11.94 0.07
C HIS A 186 26.10 -13.47 0.18
N ASN A 187 27.31 -13.96 -0.12
CA ASN A 187 27.83 -15.33 -0.03
C ASN A 187 29.34 -15.16 -0.10
N ASP A 188 30.11 -15.59 0.91
CA ASP A 188 31.55 -15.33 0.92
C ASP A 188 32.35 -16.18 -0.13
N ILE A 189 31.68 -17.06 -0.90
CA ILE A 189 32.33 -17.89 -1.91
C ILE A 189 31.90 -17.49 -3.34
N THR A 190 30.64 -17.02 -3.50
CA THR A 190 30.03 -16.67 -4.78
C THR A 190 29.72 -15.17 -4.92
N GLU A 191 29.93 -14.64 -6.13
CA GLU A 191 29.61 -13.27 -6.50
C GLU A 191 28.37 -13.31 -7.37
N TYR A 192 27.25 -12.78 -6.86
CA TYR A 192 26.00 -12.81 -7.61
C TYR A 192 25.83 -11.54 -8.44
N ASP A 193 25.00 -11.63 -9.48
CA ASP A 193 24.50 -10.56 -10.31
C ASP A 193 23.01 -10.51 -10.14
N VAL A 194 22.51 -9.43 -9.52
CA VAL A 194 21.10 -9.28 -9.19
C VAL A 194 20.44 -8.23 -10.10
N ASN A 195 19.25 -8.55 -10.62
CA ASN A 195 18.44 -7.65 -11.42
C ASN A 195 16.98 -7.67 -10.95
N ASP A 196 16.51 -8.79 -10.34
CA ASP A 196 15.14 -8.87 -9.88
C ASP A 196 15.09 -8.52 -8.38
N VAL A 197 14.81 -7.23 -8.10
CA VAL A 197 14.71 -6.64 -6.75
C VAL A 197 13.44 -5.82 -6.65
N ASP A 198 12.70 -5.99 -5.56
CA ASP A 198 11.50 -5.18 -5.27
C ASP A 198 11.63 -4.69 -3.84
N ALA A 199 11.27 -3.43 -3.55
CA ALA A 199 11.36 -2.92 -2.17
C ALA A 199 10.30 -1.84 -1.95
N ARG A 200 9.76 -1.78 -0.73
CA ARG A 200 8.75 -0.80 -0.39
C ARG A 200 8.78 -0.52 1.08
N LEU A 201 8.07 0.51 1.48
CA LEU A 201 7.91 0.91 2.88
C LEU A 201 6.48 0.68 3.26
N VAL A 202 6.25 0.00 4.41
CA VAL A 202 4.89 -0.32 4.88
C VAL A 202 4.69 0.35 6.24
N GLY A 203 3.65 1.15 6.32
CA GLY A 203 3.27 1.88 7.52
C GLY A 203 2.32 1.13 8.43
N PRO A 204 2.15 1.62 9.68
CA PRO A 204 1.27 0.93 10.65
C PRO A 204 -0.17 0.74 10.20
N LYS A 205 -0.71 1.60 9.33
CA LYS A 205 -2.08 1.45 8.82
C LYS A 205 -2.11 0.67 7.51
N GLY A 206 -0.97 0.13 7.11
CA GLY A 206 -0.84 -0.59 5.83
C GLY A 206 -0.59 0.33 4.64
N GLN A 207 -0.34 1.64 4.84
CA GLN A 207 -0.04 2.54 3.72
C GLN A 207 1.34 2.16 3.12
N VAL A 208 1.46 2.20 1.81
CA VAL A 208 2.67 1.75 1.11
C VAL A 208 3.35 2.90 0.38
N ILE A 209 4.67 2.99 0.52
CA ILE A 209 5.49 3.93 -0.23
C ILE A 209 6.51 3.04 -0.95
N SER A 210 6.45 2.96 -2.28
CA SER A 210 7.39 2.16 -3.07
C SER A 210 8.79 2.83 -3.09
N LEU A 211 9.86 2.03 -3.12
CA LEU A 211 11.21 2.61 -3.17
C LEU A 211 11.67 2.66 -4.56
N ASN A 212 12.34 3.75 -4.96
CA ASN A 212 12.92 3.90 -6.28
C ASN A 212 14.34 3.37 -6.20
N LEU A 213 14.64 2.30 -6.94
CA LEU A 213 15.91 1.60 -6.84
C LEU A 213 16.93 1.95 -7.93
N THR A 214 18.21 1.84 -7.54
CA THR A 214 19.35 1.99 -8.44
C THR A 214 20.32 0.91 -8.11
N LYS A 215 20.88 0.26 -9.12
CA LYS A 215 21.89 -0.76 -8.99
C LYS A 215 23.25 -0.09 -8.73
N LEU A 216 23.87 -0.42 -7.60
CA LEU A 216 25.17 0.18 -7.23
C LEU A 216 26.33 -0.76 -7.64
N LYS A 217 26.15 -2.07 -7.43
CA LYS A 217 27.07 -3.18 -7.74
C LYS A 217 26.27 -4.33 -8.29
N SER A 218 26.92 -5.39 -8.79
CA SER A 218 26.21 -6.57 -9.27
C SER A 218 25.28 -7.15 -8.18
N ASN A 219 25.67 -7.05 -6.89
CA ASN A 219 24.89 -7.60 -5.79
C ASN A 219 24.38 -6.54 -4.79
N VAL A 220 24.54 -5.23 -5.08
CA VAL A 220 24.13 -4.17 -4.16
C VAL A 220 23.19 -3.17 -4.88
N PHE A 221 22.09 -2.82 -4.19
CA PHE A 221 21.09 -1.86 -4.64
C PHE A 221 20.89 -0.80 -3.58
N GLU A 222 20.62 0.44 -4.03
CA GLU A 222 20.21 1.52 -3.16
C GLU A 222 18.80 1.90 -3.51
N GLY A 223 18.01 2.25 -2.50
CA GLY A 223 16.62 2.65 -2.73
C GLY A 223 16.31 3.95 -2.02
N THR A 224 15.52 4.83 -2.65
CA THR A 224 15.08 6.07 -2.02
C THR A 224 13.58 6.24 -2.15
N ALA A 225 13.01 7.02 -1.23
CA ALA A 225 11.63 7.47 -1.21
C ALA A 225 11.50 8.65 -0.25
N THR A 226 10.51 9.49 -0.48
CA THR A 226 10.14 10.61 0.37
C THR A 226 9.09 10.12 1.33
N LEU A 227 9.26 10.41 2.61
CA LEU A 227 8.28 9.98 3.61
C LEU A 227 7.33 11.13 3.81
N ASP A 228 6.11 10.96 3.30
CA ASP A 228 5.18 12.07 3.35
C ASP A 228 3.81 11.62 3.83
N SER A 229 3.75 10.55 4.63
CA SER A 229 2.51 10.12 5.24
C SER A 229 2.06 11.18 6.27
N GLU A 230 0.78 11.54 6.29
CA GLU A 230 0.28 12.56 7.20
C GLU A 230 -0.43 11.95 8.40
N LEU A 231 -0.46 10.62 8.47
CA LEU A 231 -1.12 9.87 9.52
C LEU A 231 -0.26 9.68 10.76
N ASN A 232 -0.93 9.64 11.92
CA ASN A 232 -0.35 9.41 13.22
C ASN A 232 -0.05 7.88 13.33
N ASP A 233 1.19 7.51 13.63
CA ASP A 233 1.58 6.10 13.73
C ASP A 233 1.22 5.46 15.09
N ARG A 234 0.82 6.28 16.09
CA ARG A 234 0.41 5.89 17.45
C ARG A 234 1.42 4.90 18.13
N GLY A 235 2.69 5.28 18.09
CA GLY A 235 3.76 4.50 18.68
C GLY A 235 4.30 3.36 17.83
N GLU A 236 3.55 2.95 16.80
CA GLU A 236 3.94 1.84 15.91
C GLU A 236 4.99 2.28 14.89
N ASN A 237 5.79 1.30 14.41
CA ASN A 237 6.86 1.56 13.46
C ASN A 237 6.49 1.17 12.02
N TRP A 238 7.31 1.67 11.10
CA TRP A 238 7.32 1.36 9.69
C TRP A 238 8.33 0.28 9.43
N TYR A 239 8.19 -0.40 8.28
CA TYR A 239 9.11 -1.41 7.83
C TYR A 239 9.47 -1.20 6.39
N LEU A 240 10.73 -1.44 6.12
CA LEU A 240 11.30 -1.62 4.81
C LEU A 240 11.11 -3.10 4.49
N GLU A 241 10.44 -3.41 3.36
CA GLU A 241 10.23 -4.80 2.91
C GLU A 241 10.89 -4.97 1.57
N THR A 242 11.73 -5.95 1.43
CA THR A 242 12.37 -6.17 0.14
CA THR A 242 12.45 -6.20 0.18
C THR A 242 12.36 -7.66 -0.21
N ASP A 243 12.34 -7.93 -1.52
CA ASP A 243 12.33 -9.26 -2.12
C ASP A 243 13.32 -9.27 -3.26
N VAL A 244 14.23 -10.24 -3.23
CA VAL A 244 15.28 -10.36 -4.23
C VAL A 244 15.26 -11.80 -4.83
N GLN A 245 15.40 -11.90 -6.16
CA GLN A 245 15.57 -13.19 -6.80
C GLN A 245 16.66 -13.13 -7.87
N THR A 246 17.56 -14.12 -7.89
CA THR A 246 18.55 -14.26 -8.95
C THR A 246 18.77 -15.76 -9.17
N GLU A 247 19.64 -16.12 -10.11
CA GLU A 247 19.97 -17.50 -10.44
C GLU A 247 21.46 -17.64 -10.53
N TYR A 248 21.99 -18.71 -9.97
CA TYR A 248 23.41 -19.02 -10.05
C TYR A 248 23.51 -20.48 -10.46
N GLY A 249 23.76 -20.65 -11.76
CA GLY A 249 23.80 -21.95 -12.41
C GLY A 249 22.38 -22.43 -12.59
N GLN A 250 22.08 -23.58 -11.99
CA GLN A 250 20.75 -24.19 -12.01
C GLN A 250 20.00 -23.93 -10.67
N GLU A 251 20.55 -23.05 -9.83
CA GLU A 251 19.98 -22.74 -8.52
C GLU A 251 19.31 -21.39 -8.45
N ILE A 252 18.09 -21.37 -7.89
CA ILE A 252 17.31 -20.17 -7.61
C ILE A 252 17.78 -19.63 -6.26
N ILE A 253 18.18 -18.35 -6.25
CA ILE A 253 18.58 -17.62 -5.07
C ILE A 253 17.45 -16.65 -4.75
N ARG A 254 16.71 -16.94 -3.70
CA ARG A 254 15.58 -16.11 -3.30
C ARG A 254 15.71 -15.70 -1.86
N ARG A 255 15.68 -14.38 -1.62
CA ARG A 255 15.74 -13.85 -0.26
C ARG A 255 14.77 -12.68 -0.12
N SER A 256 14.15 -12.58 1.04
CA SER A 256 13.31 -11.46 1.38
C SER A 256 13.76 -10.93 2.72
N GLY A 257 13.61 -9.64 2.92
CA GLY A 257 14.08 -9.02 4.15
C GLY A 257 13.23 -7.85 4.59
N HIS A 258 13.38 -7.54 5.88
CA HIS A 258 12.66 -6.49 6.58
CA HIS A 258 12.68 -6.43 6.50
C HIS A 258 13.58 -5.72 7.50
N THR A 259 13.27 -4.46 7.77
CA THR A 259 13.96 -3.69 8.81
C THR A 259 12.97 -2.57 9.22
N ALA A 260 13.00 -2.26 10.51
CA ALA A 260 12.11 -1.29 11.13
C ALA A 260 12.75 0.08 11.21
N PHE A 261 11.90 1.10 11.16
CA PHE A 261 12.33 2.48 11.35
C PHE A 261 11.15 3.23 11.94
N SER A 262 11.45 4.30 12.67
CA SER A 262 10.42 5.12 13.32
C SER A 262 10.12 6.34 12.46
N TYR A 263 8.88 6.82 12.50
CA TYR A 263 8.49 7.99 11.71
C TYR A 263 7.57 8.92 12.53
N SER A 264 7.75 10.25 12.43
CA SER A 264 6.83 11.17 13.12
C SER A 264 6.49 12.41 12.28
N ILE A 265 5.42 13.08 12.66
CA ILE A 265 4.99 14.34 12.07
C ILE A 265 5.55 15.46 12.98
N PRO A 266 6.23 16.49 12.45
CA PRO A 266 6.79 17.54 13.34
C PRO A 266 5.68 18.46 13.84
N SER A 267 4.82 17.92 14.73
CA SER A 267 3.61 18.57 15.29
C SER A 267 3.93 19.78 16.17
N ALA A 268 5.19 19.91 16.62
CA ALA A 268 5.66 21.02 17.45
C ALA A 268 7.17 21.12 17.39
N SER A 269 7.69 22.34 17.55
CA SER A 269 9.12 22.59 17.50
C SER A 269 9.57 23.54 18.59
N LEU A 270 10.79 23.32 19.10
CA LEU A 270 11.45 24.22 20.07
C LEU A 270 12.17 25.32 19.28
N MSE A 271 12.10 26.57 19.76
CA MSE A 271 12.71 27.69 19.02
C MSE A 271 13.85 28.40 19.78
O MSE A 271 14.91 28.60 19.21
CB MSE A 271 11.63 28.73 18.67
CG MSE A 271 10.55 28.18 17.76
SE MSE A 271 9.06 29.40 17.57
CE MSE A 271 10.00 30.91 16.62
N ASN A 272 13.61 28.82 21.02
CA ASN A 272 14.60 29.56 21.81
C ASN A 272 14.65 29.03 23.22
N VAL A 273 15.85 28.94 23.81
CA VAL A 273 15.99 28.48 25.20
C VAL A 273 16.83 29.52 25.94
N LYS A 274 16.37 29.89 27.15
CA LYS A 274 17.06 30.86 27.99
C LYS A 274 16.97 30.39 29.44
N LYS A 275 17.96 30.78 30.24
CA LYS A 275 18.02 30.50 31.68
C LYS A 275 17.24 31.64 32.33
N LEU A 276 16.19 31.27 33.09
CA LEU A 276 15.29 32.21 33.76
C LEU A 276 15.83 32.58 35.14
N SER A 277 16.31 31.56 35.90
CA SER A 277 16.83 31.72 37.27
C SER A 277 17.96 30.75 37.53
N SER A 278 18.78 31.05 38.54
CA SER A 278 19.92 30.24 38.96
C SER A 278 19.62 29.53 40.27
N LYS A 279 18.63 30.07 41.03
CA LYS A 279 18.23 29.51 42.32
C LYS A 279 16.70 29.60 42.46
N PRO A 280 15.95 28.53 42.08
CA PRO A 280 16.43 27.26 41.50
C PRO A 280 16.75 27.40 40.01
N LEU A 281 17.60 26.51 39.47
CA LEU A 281 18.01 26.50 38.05
C LEU A 281 16.79 26.25 37.18
N THR A 282 16.25 27.33 36.61
CA THR A 282 15.03 27.27 35.82
C THR A 282 15.28 27.82 34.42
N PHE A 283 14.77 27.09 33.42
CA PHE A 283 14.90 27.45 32.01
C PHE A 283 13.54 27.59 31.40
N VAL A 284 13.46 28.42 30.35
CA VAL A 284 12.22 28.64 29.59
C VAL A 284 12.52 28.39 28.10
N VAL A 285 11.64 27.64 27.44
CA VAL A 285 11.80 27.32 26.02
C VAL A 285 10.55 27.74 25.27
N THR A 286 10.71 28.41 24.13
CA THR A 286 9.57 28.77 23.27
C THR A 286 9.25 27.52 22.40
N VAL A 287 7.96 27.24 22.21
CA VAL A 287 7.48 26.09 21.43
C VAL A 287 6.41 26.57 20.44
N ASP A 288 6.52 26.15 19.18
CA ASP A 288 5.54 26.40 18.13
C ASP A 288 4.74 25.08 17.94
N VAL A 289 3.44 25.10 18.20
CA VAL A 289 2.58 23.90 18.15
C VAL A 289 1.61 24.04 16.97
N ALA A 290 1.50 22.97 16.16
CA ALA A 290 0.62 22.91 14.99
C ALA A 290 -0.68 22.16 15.32
N THR A 291 -0.60 21.14 16.19
CA THR A 291 -1.75 20.29 16.55
C THR A 291 -1.93 20.22 18.07
N ALA A 292 -3.17 20.40 18.56
CA ALA A 292 -3.55 20.32 19.96
C ALA A 292 -3.26 18.91 20.48
N SER A 293 -2.38 18.80 21.47
CA SER A 293 -1.99 17.50 22.01
C SER A 293 -1.28 17.66 23.32
N ARG A 294 -0.89 16.55 23.92
CA ARG A 294 -0.08 16.55 25.12
C ARG A 294 1.38 16.40 24.72
N TYR A 295 2.21 17.31 25.18
CA TYR A 295 3.64 17.31 24.85
C TYR A 295 4.49 17.30 26.09
N ALA A 296 5.68 16.69 25.99
CA ALA A 296 6.61 16.69 27.10
C ALA A 296 7.92 17.22 26.66
N LEU A 297 8.41 18.20 27.39
CA LEU A 297 9.73 18.75 27.17
C LEU A 297 10.67 18.12 28.15
N GLN A 298 11.68 17.39 27.65
CA GLN A 298 12.66 16.70 28.49
C GLN A 298 14.04 17.28 28.28
N SER A 299 14.80 17.48 29.38
CA SER A 299 16.15 18.01 29.37
C SER A 299 17.01 17.33 30.43
N VAL A 300 18.33 17.32 30.23
CA VAL A 300 19.27 16.71 31.18
C VAL A 300 20.36 17.72 31.54
N LEU A 301 20.63 17.88 32.84
CA LEU A 301 21.68 18.75 33.34
C LEU A 301 22.96 17.94 33.51
N PHE A 302 24.02 18.39 32.85
CA PHE A 302 25.35 17.78 32.90
C PHE A 302 26.31 18.65 33.68
N GLN A 303 27.38 18.04 34.22
CA GLN A 303 28.45 18.69 34.97
C GLN A 303 29.75 18.44 34.24
N LYS A 307 41.92 17.06 31.08
CA LYS A 307 41.36 16.49 32.31
C LYS A 307 40.01 17.12 32.64
N GLY A 308 39.03 16.26 32.95
CA GLY A 308 37.68 16.66 33.28
C GLY A 308 36.66 15.58 32.98
N GLU A 309 35.74 15.32 33.93
CA GLU A 309 34.72 14.30 33.76
C GLU A 309 33.34 14.93 33.54
N ALA A 310 32.73 14.68 32.35
CA ALA A 310 31.38 15.15 32.02
C ALA A 310 30.37 14.05 32.33
N ARG A 311 29.37 14.35 33.18
CA ARG A 311 28.38 13.37 33.63
C ARG A 311 27.00 14.01 33.92
N PRO A 312 25.88 13.28 33.66
CA PRO A 312 24.56 13.85 33.97
C PRO A 312 24.30 13.89 35.48
N ILE A 313 23.69 15.00 35.96
CA ILE A 313 23.34 15.26 37.36
C ILE A 313 21.85 14.95 37.60
N GLN A 314 20.98 15.33 36.65
CA GLN A 314 19.52 15.17 36.77
C GLN A 314 18.80 15.35 35.44
N THR A 315 17.66 14.67 35.31
CA THR A 315 16.77 14.84 34.18
C THR A 315 15.52 15.56 34.67
N SER A 316 14.98 16.48 33.85
CA SER A 316 13.78 17.25 34.14
CA SER A 316 13.76 17.21 34.14
C SER A 316 12.80 17.09 33.00
N GLN A 317 11.51 17.02 33.32
CA GLN A 317 10.48 16.84 32.32
C GLN A 317 9.24 17.68 32.63
N ARG A 318 8.83 18.51 31.67
CA ARG A 318 7.62 19.32 31.74
C ARG A 318 6.61 18.78 30.73
N ALA A 319 5.50 18.25 31.22
CA ALA A 319 4.42 17.70 30.36
C ALA A 319 3.14 18.50 30.57
N GLN A 320 2.55 19.00 29.47
CA GLN A 320 1.32 19.77 29.52
C GLN A 320 0.55 19.65 28.22
N TRP A 321 -0.74 20.06 28.24
CA TRP A 321 -1.60 20.11 27.08
C TRP A 321 -1.33 21.40 26.34
N LEU A 322 -1.07 21.35 25.01
CA LEU A 322 -0.80 22.57 24.26
C LEU A 322 -1.71 22.67 23.03
N GLU A 323 -2.40 23.81 22.89
CA GLU A 323 -3.23 24.09 21.72
C GLU A 323 -2.35 24.62 20.60
N PRO A 324 -2.79 24.64 19.31
CA PRO A 324 -1.94 25.25 18.26
C PRO A 324 -1.56 26.71 18.60
N GLY A 325 -0.31 27.07 18.31
CA GLY A 325 0.22 28.40 18.58
C GLY A 325 1.59 28.41 19.22
N LYS A 326 2.02 29.58 19.72
CA LYS A 326 3.31 29.75 20.38
C LYS A 326 3.13 29.68 21.90
N HIS A 327 4.05 28.96 22.57
CA HIS A 327 4.02 28.77 24.02
C HIS A 327 5.42 28.87 24.64
N VAL A 328 5.47 29.12 25.95
CA VAL A 328 6.72 29.16 26.70
CA VAL A 328 6.72 29.15 26.70
C VAL A 328 6.62 28.05 27.76
N LEU A 329 7.52 27.07 27.67
CA LEU A 329 7.56 25.95 28.62
C LEU A 329 8.72 26.16 29.57
N GLN A 330 8.49 25.85 30.83
CA GLN A 330 9.45 26.03 31.89
C GLN A 330 9.89 24.69 32.49
N PHE A 331 11.18 24.53 32.76
CA PHE A 331 11.69 23.32 33.41
C PHE A 331 12.77 23.73 34.37
N THR A 332 12.93 22.97 35.46
CA THR A 332 13.83 23.27 36.56
C THR A 332 14.69 22.09 36.97
N PHE A 333 15.89 22.39 37.48
CA PHE A 333 16.81 21.41 38.05
C PHE A 333 17.08 21.76 39.52
N ASP A 334 17.47 20.77 40.33
CA ASP A 334 17.74 20.99 41.74
C ASP A 334 19.10 21.66 41.99
N ASN A 335 20.23 21.08 41.50
CA ASN A 335 21.61 21.55 41.72
C ASN A 335 21.96 21.54 43.22
N LEU A 339 26.41 24.18 42.19
CA LEU A 339 27.48 24.29 41.22
C LEU A 339 27.32 25.51 40.31
N SER A 340 28.46 26.08 39.88
CA SER A 340 28.51 27.27 39.03
C SER A 340 28.08 26.96 37.59
N ASP A 341 27.57 28.00 36.91
CA ASP A 341 27.08 28.08 35.53
C ASP A 341 28.16 27.59 34.52
N ASP A 342 29.45 27.89 34.80
CA ASP A 342 30.58 27.51 33.95
C ASP A 342 30.81 25.99 33.93
N ASN A 343 30.50 25.31 35.04
CA ASN A 343 30.71 23.87 35.18
C ASN A 343 29.40 23.07 34.87
N LEU A 344 28.38 23.73 34.27
CA LEU A 344 27.09 23.07 33.94
C LEU A 344 26.67 23.32 32.50
N TYR A 345 25.96 22.34 31.89
CA TYR A 345 25.41 22.51 30.55
C TYR A 345 24.18 21.59 30.34
N LEU A 346 23.36 21.92 29.32
CA LEU A 346 22.19 21.14 28.92
C LEU A 346 22.61 20.14 27.87
N GLY A 347 22.54 18.85 28.20
CA GLY A 347 22.93 17.76 27.29
C GLY A 347 22.04 17.62 26.07
N TYR A 348 20.73 17.78 26.27
CA TYR A 348 19.78 17.71 25.16
C TYR A 348 18.52 18.45 25.49
N LEU A 349 17.72 18.70 24.45
CA LEU A 349 16.39 19.28 24.47
C LEU A 349 15.51 18.44 23.56
N ARG A 350 14.63 17.63 24.15
CA ARG A 350 13.74 16.70 23.44
C ARG A 350 12.26 17.04 23.70
N LEU A 351 11.45 17.04 22.64
CA LEU A 351 10.03 17.30 22.78
C LEU A 351 9.24 16.09 22.27
N ILE A 352 8.42 15.50 23.15
CA ILE A 352 7.64 14.30 22.85
C ILE A 352 6.19 14.69 22.64
N ASP A 353 5.56 14.08 21.66
CA ASP A 353 4.12 14.22 21.39
C ASP A 353 3.49 12.93 21.86
N TYR A 354 2.70 12.97 22.95
CA TYR A 354 2.07 11.75 23.48
C TYR A 354 0.94 11.26 22.59
N GLY A 355 0.45 12.12 21.68
CA GLY A 355 -0.56 11.71 20.70
C GLY A 355 0.03 10.76 19.69
N GLN A 356 1.34 10.91 19.43
CA GLN A 356 2.10 10.08 18.49
C GLN A 356 2.96 9.06 19.19
N LEU A 357 3.32 9.33 20.46
CA LEU A 357 4.25 8.56 21.27
C LEU A 357 5.59 8.54 20.53
N LYS A 358 5.95 9.71 19.98
CA LYS A 358 7.19 9.96 19.27
C LYS A 358 7.83 11.27 19.72
N THR A 359 9.18 11.32 19.64
CA THR A 359 9.96 12.54 19.81
C THR A 359 9.72 13.31 18.52
N VAL A 360 9.19 14.56 18.60
CA VAL A 360 8.89 15.31 17.37
C VAL A 360 9.95 16.38 17.08
N TYR A 361 10.75 16.72 18.10
CA TYR A 361 11.84 17.68 18.03
C TYR A 361 12.91 17.28 18.99
N GLN A 362 14.17 17.31 18.53
CA GLN A 362 15.29 17.05 19.43
C GLN A 362 16.51 17.82 19.00
N TYR A 363 17.21 18.32 20.01
CA TYR A 363 18.49 18.98 19.91
C TYR A 363 19.42 18.24 20.86
N ASN A 364 20.32 17.42 20.30
CA ASN A 364 21.23 16.55 21.07
C ASN A 364 22.68 17.09 21.12
N GLN A 365 22.85 18.42 21.02
CA GLN A 365 24.18 19.03 21.14
C GLN A 365 24.30 19.72 22.51
N PRO A 366 25.50 19.67 23.17
CA PRO A 366 25.66 20.38 24.45
C PRO A 366 25.41 21.89 24.33
N VAL A 367 24.71 22.46 25.33
CA VAL A 367 24.45 23.91 25.38
C VAL A 367 24.93 24.38 26.73
N LYS A 368 26.04 25.14 26.75
CA LYS A 368 26.64 25.70 27.95
C LYS A 368 25.67 26.72 28.51
N LEU A 369 25.53 26.82 29.86
CA LEU A 369 24.61 27.77 30.47
C LEU A 369 25.01 29.22 30.14
N SER A 370 26.31 29.44 29.85
CA SER A 370 26.91 30.73 29.47
C SER A 370 26.39 31.23 28.10
N GLN A 371 25.70 30.34 27.36
CA GLN A 371 25.07 30.63 26.07
C GLN A 371 23.57 31.00 26.27
N LEU A 372 23.01 30.65 27.46
CA LEU A 372 21.61 30.83 27.87
C LEU A 372 21.42 32.02 28.81
N GLY B 1 -43.95 -15.27 -2.00
CA GLY B 1 -42.63 -14.97 -1.46
C GLY B 1 -41.48 -15.47 -2.32
N PHE B 2 -40.41 -14.64 -2.45
CA PHE B 2 -39.23 -15.01 -3.22
C PHE B 2 -37.97 -14.73 -2.41
N THR B 3 -37.16 -15.79 -2.17
CA THR B 3 -35.89 -15.73 -1.44
C THR B 3 -34.78 -15.29 -2.42
N LEU B 4 -34.09 -14.22 -2.05
CA LEU B 4 -33.01 -13.62 -2.82
C LEU B 4 -31.66 -14.30 -2.48
N PRO B 5 -30.63 -14.23 -3.40
CA PRO B 5 -29.33 -14.86 -3.11
C PRO B 5 -28.76 -14.41 -1.76
N ARG B 6 -28.27 -15.38 -0.97
CA ARG B 6 -27.72 -15.15 0.37
C ARG B 6 -26.45 -14.31 0.32
N GLN B 7 -26.31 -13.39 1.29
CA GLN B 7 -25.14 -12.53 1.44
C GLN B 7 -24.90 -12.30 2.93
N PRO B 8 -23.84 -12.93 3.51
CA PRO B 8 -23.54 -12.65 4.94
C PRO B 8 -23.20 -11.17 5.13
N THR B 9 -23.75 -10.55 6.17
CA THR B 9 -23.45 -9.14 6.41
C THR B 9 -22.13 -8.98 7.20
N LYS B 10 -21.52 -7.80 7.06
CA LYS B 10 -20.28 -7.43 7.74
C LYS B 10 -20.42 -6.04 8.32
N ALA B 11 -20.03 -5.87 9.56
CA ALA B 11 -20.08 -4.57 10.22
C ALA B 11 -18.82 -3.78 9.90
N TYR B 12 -18.89 -2.43 9.96
CA TYR B 12 -17.72 -1.57 9.76
C TYR B 12 -17.80 -0.41 10.74
N GLU B 13 -16.63 0.19 11.05
CA GLU B 13 -16.49 1.35 11.93
C GLU B 13 -16.75 2.59 11.11
N CYS B 14 -17.86 3.26 11.38
CA CYS B 14 -18.23 4.44 10.60
C CYS B 14 -18.18 5.69 11.46
N GLU B 15 -17.44 6.70 11.00
CA GLU B 15 -17.28 7.97 11.72
C GLU B 15 -18.34 9.00 11.31
N ASN B 16 -18.76 9.00 10.04
CA ASN B 16 -19.72 9.94 9.48
C ASN B 16 -21.20 9.49 9.55
N CYS B 17 -21.48 8.21 9.93
CA CYS B 17 -22.85 7.67 9.96
C CYS B 17 -23.76 8.46 10.89
N SER B 18 -23.28 8.85 12.09
CA SER B 18 -24.02 9.64 13.09
C SER B 18 -24.57 10.96 12.51
N GLN B 19 -23.91 11.51 11.50
CA GLN B 19 -24.28 12.77 10.84
C GLN B 19 -25.37 12.57 9.77
N LEU B 20 -25.74 11.32 9.44
CA LEU B 20 -26.72 11.08 8.38
C LEU B 20 -28.15 11.30 8.86
N SER B 21 -29.04 11.70 7.93
CA SER B 21 -30.44 11.95 8.24
C SER B 21 -31.14 10.71 8.79
N ARG B 22 -32.10 10.92 9.73
CA ARG B 22 -32.88 9.84 10.33
C ARG B 22 -34.28 9.77 9.74
N GLU B 23 -34.58 10.62 8.73
CA GLU B 23 -35.90 10.72 8.14
C GLU B 23 -36.24 9.55 7.23
N ASN B 24 -37.43 8.97 7.44
CA ASN B 24 -37.95 7.85 6.64
C ASN B 24 -38.65 8.46 5.42
N LEU B 25 -38.05 8.33 4.22
CA LEU B 25 -38.60 8.95 3.03
C LEU B 25 -38.83 7.95 1.89
N HIS B 26 -39.97 8.08 1.22
CA HIS B 26 -40.31 7.27 0.05
C HIS B 26 -40.53 8.19 -1.14
N ASP B 27 -39.97 7.83 -2.30
CA ASP B 27 -40.06 8.55 -3.58
C ASP B 27 -40.23 7.56 -4.72
N LYS B 28 -40.78 8.06 -5.82
CA LYS B 28 -41.03 7.38 -7.10
C LYS B 28 -40.74 8.32 -8.23
N TRP B 29 -40.26 7.80 -9.37
CA TRP B 29 -40.02 8.58 -10.57
C TRP B 29 -40.12 7.73 -11.82
N GLU B 30 -40.54 8.36 -12.91
CA GLU B 30 -40.72 7.75 -14.21
C GLU B 30 -39.40 7.44 -14.88
N ILE B 31 -39.42 6.42 -15.76
CA ILE B 31 -38.33 6.03 -16.66
C ILE B 31 -38.88 6.08 -18.08
N SER B 41 -17.08 -3.88 -21.26
CA SER B 41 -17.04 -2.89 -20.19
C SER B 41 -16.05 -3.29 -19.10
N ASN B 42 -15.82 -4.59 -18.93
CA ASN B 42 -14.88 -5.15 -17.94
C ASN B 42 -13.43 -5.17 -18.49
N VAL B 43 -13.27 -4.99 -19.81
CA VAL B 43 -12.01 -5.05 -20.56
C VAL B 43 -11.41 -3.65 -20.76
N ARG B 44 -10.11 -3.47 -20.43
CA ARG B 44 -9.42 -2.18 -20.63
C ARG B 44 -8.07 -2.43 -21.30
N ARG B 45 -7.68 -1.55 -22.23
CA ARG B 45 -6.42 -1.71 -22.94
C ARG B 45 -5.53 -0.47 -22.69
N SER B 46 -4.22 -0.70 -22.65
CA SER B 46 -3.17 0.30 -22.46
C SER B 46 -2.16 0.19 -23.61
N TYR B 47 -1.81 1.32 -24.19
CA TYR B 47 -0.83 1.44 -25.26
C TYR B 47 0.39 2.20 -24.73
N GLY B 48 0.63 2.10 -23.44
CA GLY B 48 1.75 2.80 -22.84
C GLY B 48 2.03 2.30 -21.45
N TYR B 49 2.84 3.07 -20.71
CA TYR B 49 3.12 2.71 -19.34
C TYR B 49 3.32 3.99 -18.52
N LYS B 50 3.22 3.83 -17.20
CA LYS B 50 3.49 4.90 -16.23
C LYS B 50 4.42 4.36 -15.19
N GLU B 51 5.35 5.17 -14.67
CA GLU B 51 6.21 4.74 -13.57
C GLU B 51 6.66 5.93 -12.73
N ARG B 52 6.97 5.64 -11.48
CA ARG B 52 7.53 6.59 -10.53
C ARG B 52 9.01 6.46 -10.60
N ILE B 53 9.71 7.60 -10.72
CA ILE B 53 11.17 7.57 -10.77
C ILE B 53 11.72 8.60 -9.79
N SER B 54 12.95 8.38 -9.30
CA SER B 54 13.58 9.31 -8.38
C SER B 54 14.55 10.19 -9.12
N LEU B 55 14.93 11.30 -8.51
CA LEU B 55 15.96 12.18 -9.04
C LEU B 55 17.30 11.38 -9.18
N GLU B 56 17.59 10.44 -8.24
CA GLU B 56 18.79 9.59 -8.28
C GLU B 56 18.82 8.72 -9.56
N GLN B 57 17.68 8.20 -9.99
CA GLN B 57 17.56 7.46 -11.24
C GLN B 57 17.77 8.39 -12.45
N LEU B 58 17.23 9.64 -12.39
CA LEU B 58 17.39 10.62 -13.47
C LEU B 58 18.83 10.98 -13.68
N GLN B 59 19.64 11.03 -12.58
CA GLN B 59 21.08 11.35 -12.63
CA GLN B 59 21.06 11.39 -12.69
C GLN B 59 21.81 10.30 -13.45
N ARG B 60 21.48 9.02 -13.19
CA ARG B 60 22.08 7.86 -13.87
C ARG B 60 21.47 7.66 -15.28
N GLY B 61 20.22 8.08 -15.45
CA GLY B 61 19.49 7.94 -16.71
C GLY B 61 18.41 6.90 -16.62
N VAL B 62 17.21 7.26 -17.08
CA VAL B 62 16.01 6.40 -17.04
C VAL B 62 15.66 5.98 -18.47
N ILE B 63 15.36 4.70 -18.67
CA ILE B 63 14.97 4.20 -19.99
C ILE B 63 13.53 4.62 -20.33
N ILE B 64 13.37 5.25 -21.50
CA ILE B 64 12.07 5.53 -22.09
C ILE B 64 12.00 4.56 -23.29
N SER B 65 11.17 3.53 -23.23
CA SER B 65 11.08 2.53 -24.32
C SER B 65 9.85 2.71 -25.14
N THR B 66 10.05 2.78 -26.48
CA THR B 66 8.96 2.98 -27.41
C THR B 66 9.04 1.90 -28.52
N LEU B 67 7.92 1.61 -29.15
CA LEU B 67 7.86 0.57 -30.20
C LEU B 67 7.46 1.15 -31.55
N ALA B 68 7.02 2.40 -31.55
CA ALA B 68 6.62 3.08 -32.78
C ALA B 68 7.05 4.53 -32.72
N PRO B 69 7.19 5.22 -33.86
CA PRO B 69 7.58 6.63 -33.79
C PRO B 69 6.46 7.49 -33.22
N GLY B 70 6.82 8.67 -32.72
CA GLY B 70 5.84 9.63 -32.23
C GLY B 70 5.19 9.29 -30.91
N ALA B 71 5.91 8.66 -30.00
CA ALA B 71 5.39 8.39 -28.65
C ALA B 71 5.25 9.69 -27.90
N VAL B 72 4.32 9.74 -26.95
CA VAL B 72 4.10 10.97 -26.15
C VAL B 72 4.60 10.70 -24.72
N VAL B 73 5.46 11.58 -24.21
CA VAL B 73 6.08 11.45 -22.89
C VAL B 73 5.70 12.65 -21.99
N ARG B 74 5.28 12.34 -20.76
CA ARG B 74 4.91 13.32 -19.74
CA ARG B 74 4.90 13.32 -19.75
C ARG B 74 5.73 13.08 -18.49
N ILE B 75 6.32 14.14 -17.96
CA ILE B 75 7.13 14.07 -16.76
C ILE B 75 6.58 15.12 -15.79
N THR B 76 6.05 14.70 -14.65
CA THR B 76 5.47 15.61 -13.65
C THR B 76 6.17 15.36 -12.31
N PRO B 77 6.48 16.41 -11.56
CA PRO B 77 7.09 16.19 -10.23
C PRO B 77 6.02 15.71 -9.24
N LEU B 78 6.44 14.88 -8.26
CA LEU B 78 5.53 14.28 -7.27
C LEU B 78 5.53 15.09 -5.95
N GLN B 79 6.31 16.17 -5.93
CA GLN B 79 6.38 17.18 -4.90
C GLN B 79 6.03 18.51 -5.54
N ASN B 80 5.64 19.50 -4.76
CA ASN B 80 5.31 20.81 -5.31
C ASN B 80 6.65 21.59 -5.52
N LYS B 81 7.54 21.03 -6.36
CA LYS B 81 8.88 21.55 -6.67
C LYS B 81 9.11 21.47 -8.19
N SER B 82 10.24 21.99 -8.66
CA SER B 82 10.50 22.04 -10.10
C SER B 82 11.14 20.75 -10.67
N ILE B 83 11.07 20.63 -12.00
CA ILE B 83 11.63 19.55 -12.81
C ILE B 83 13.06 19.97 -13.23
N PRO B 84 14.07 19.06 -13.30
CA PRO B 84 15.40 19.48 -13.72
C PRO B 84 15.46 19.76 -15.20
N GLU B 85 16.60 20.35 -15.66
CA GLU B 85 16.96 20.50 -17.06
C GLU B 85 17.25 19.10 -17.54
N LEU B 86 16.52 18.63 -18.53
CA LEU B 86 16.65 17.23 -18.91
C LEU B 86 17.34 17.03 -20.25
N LEU B 87 18.00 15.91 -20.39
CA LEU B 87 18.66 15.48 -21.62
C LEU B 87 18.02 14.20 -22.07
N ILE B 88 18.16 13.87 -23.37
CA ILE B 88 17.60 12.65 -23.88
C ILE B 88 18.57 12.08 -24.91
N LYS B 89 18.86 10.80 -24.75
CA LYS B 89 19.70 10.05 -25.65
C LYS B 89 18.77 9.22 -26.50
N THR B 90 18.87 9.36 -27.80
CA THR B 90 18.02 8.65 -28.76
C THR B 90 18.49 7.19 -28.89
N PRO B 91 17.72 6.31 -29.59
CA PRO B 91 18.18 4.92 -29.77
C PRO B 91 19.48 4.79 -30.57
N LYS B 92 19.86 5.84 -31.33
CA LYS B 92 21.09 5.90 -32.14
C LYS B 92 22.20 6.65 -31.38
N ASN B 93 22.02 6.85 -30.06
CA ASN B 93 22.97 7.45 -29.11
C ASN B 93 23.32 8.92 -29.40
N GLN B 94 22.34 9.67 -29.92
CA GLN B 94 22.45 11.11 -30.08
C GLN B 94 21.97 11.77 -28.78
N LEU B 95 22.83 12.56 -28.11
CA LEU B 95 22.49 13.22 -26.85
C LEU B 95 21.96 14.59 -27.16
N LEU B 96 20.72 14.85 -26.75
CA LEU B 96 20.05 16.09 -27.05
C LEU B 96 19.46 16.75 -25.81
N PRO B 97 19.33 18.11 -25.80
CA PRO B 97 18.47 18.74 -24.79
C PRO B 97 17.05 18.19 -25.01
N LEU B 98 16.27 17.88 -23.96
CA LEU B 98 14.93 17.27 -24.13
C LEU B 98 14.05 17.97 -25.21
N LYS B 99 14.01 19.31 -25.19
CA LYS B 99 13.23 20.14 -26.11
C LYS B 99 13.57 19.84 -27.59
N GLU B 100 14.85 19.47 -27.91
CA GLU B 100 15.30 19.19 -29.27
C GLU B 100 14.79 17.83 -29.81
N ALA B 101 14.23 16.96 -28.94
CA ALA B 101 13.60 15.72 -29.36
C ALA B 101 12.12 15.98 -29.77
N SER B 102 11.57 17.19 -29.47
CA SER B 102 10.20 17.65 -29.84
C SER B 102 10.24 18.42 -31.14
N SER B 103 9.07 18.63 -31.77
CA SER B 103 9.03 19.37 -33.03
C SER B 103 9.51 20.81 -32.87
N LEU B 104 9.92 21.41 -33.99
CA LEU B 104 10.34 22.81 -34.09
C LEU B 104 9.17 23.68 -33.63
N TYR B 105 7.95 23.28 -34.03
CA TYR B 105 6.69 23.92 -33.68
C TYR B 105 6.52 23.99 -32.13
N ASN B 106 6.73 22.85 -31.40
CA ASN B 106 6.60 22.80 -29.93
C ASN B 106 7.71 23.57 -29.24
N GLN B 107 8.90 23.74 -29.87
CA GLN B 107 10.03 24.52 -29.35
C GLN B 107 9.85 26.02 -29.54
N ASP B 108 8.92 26.40 -30.43
CA ASP B 108 8.76 27.81 -30.83
C ASP B 108 7.89 28.57 -29.84
N ASP B 109 8.45 29.63 -29.26
CA ASP B 109 7.76 30.48 -28.28
C ASP B 109 6.89 31.60 -28.97
N GLU B 110 6.97 31.75 -30.31
CA GLU B 110 6.19 32.78 -31.04
C GLU B 110 5.06 32.16 -31.93
N VAL B 111 4.40 31.09 -31.45
CA VAL B 111 3.26 30.49 -32.16
C VAL B 111 1.96 30.94 -31.44
N GLY B 112 2.08 31.30 -30.16
CA GLY B 112 0.96 31.81 -29.37
C GLY B 112 -0.01 30.75 -28.90
N ASN B 113 -0.68 30.08 -29.87
CA ASN B 113 -1.68 29.02 -29.61
C ASN B 113 -1.00 27.74 -29.09
N ASN B 114 0.29 27.57 -29.41
CA ASN B 114 1.14 26.43 -28.99
C ASN B 114 1.37 26.49 -27.46
N PRO B 115 1.10 25.39 -26.70
CA PRO B 115 1.34 25.44 -25.24
C PRO B 115 2.83 25.38 -24.90
N LEU B 116 3.26 26.07 -23.82
CA LEU B 116 4.65 26.00 -23.37
C LEU B 116 4.81 24.62 -22.66
N ALA B 117 4.88 23.56 -23.48
CA ALA B 117 4.84 22.14 -23.10
C ALA B 117 6.06 21.67 -22.27
N ILE B 118 7.23 22.33 -22.37
CA ILE B 118 8.39 21.96 -21.54
C ILE B 118 8.78 23.19 -20.74
N THR B 119 8.60 23.09 -19.41
CA THR B 119 8.89 24.15 -18.42
C THR B 119 9.59 23.56 -17.20
N LYS B 120 9.84 24.40 -16.19
CA LYS B 120 10.45 23.97 -14.93
C LYS B 120 9.39 23.25 -14.08
N HIS B 121 8.10 23.43 -14.37
CA HIS B 121 6.99 22.83 -13.60
C HIS B 121 6.57 21.47 -14.14
N GLN B 122 6.58 21.29 -15.46
CA GLN B 122 6.17 20.07 -16.17
C GLN B 122 6.90 19.96 -17.52
N ALA B 123 6.99 18.73 -18.05
CA ALA B 123 7.56 18.48 -19.37
C ALA B 123 6.72 17.45 -20.09
N MSE B 124 6.18 17.84 -21.24
CA MSE B 124 5.39 16.98 -22.10
C MSE B 124 5.85 17.18 -23.54
O MSE B 124 6.04 18.31 -23.98
CB MSE B 124 3.88 17.20 -21.96
CG MSE B 124 3.06 16.18 -22.76
SE MSE B 124 1.13 16.28 -22.46
CE MSE B 124 0.78 17.91 -23.49
N LEU B 125 6.08 16.08 -24.26
CA LEU B 125 6.52 16.16 -25.64
C LEU B 125 6.09 14.96 -26.41
N GLN B 126 5.95 15.16 -27.69
CA GLN B 126 5.77 14.06 -28.62
C GLN B 126 7.12 13.96 -29.32
N ILE B 127 7.69 12.78 -29.32
CA ILE B 127 9.01 12.57 -29.94
C ILE B 127 8.86 12.69 -31.44
N LYS B 128 9.72 13.50 -32.10
CA LYS B 128 9.73 13.66 -33.56
C LYS B 128 9.84 12.29 -34.25
N PRO B 129 8.98 11.99 -35.25
CA PRO B 129 9.02 10.68 -35.92
C PRO B 129 10.36 10.33 -36.54
N GLU B 130 11.18 11.35 -36.87
CA GLU B 130 12.52 11.19 -37.46
C GLU B 130 13.51 10.59 -36.47
N LEU B 131 13.24 10.71 -35.16
CA LEU B 131 14.10 10.07 -34.16
C LEU B 131 13.73 8.61 -33.96
N GLY B 132 12.70 8.16 -34.68
CA GLY B 132 12.24 6.77 -34.65
C GLY B 132 11.75 6.23 -33.31
N TYR B 133 12.14 5.00 -32.98
CA TYR B 133 11.69 4.35 -31.77
C TYR B 133 12.76 3.43 -31.22
N GLY B 134 12.53 2.96 -30.00
CA GLY B 134 13.40 2.03 -29.30
C GLY B 134 13.72 2.50 -27.92
N LYS B 135 15.00 2.37 -27.52
CA LYS B 135 15.41 2.74 -26.19
C LYS B 135 15.97 4.17 -26.14
N PHE B 136 15.23 5.04 -25.49
CA PHE B 136 15.63 6.41 -25.21
C PHE B 136 16.08 6.47 -23.76
N ILE B 137 17.03 7.34 -23.44
CA ILE B 137 17.52 7.48 -22.09
C ILE B 137 17.31 8.92 -21.67
N LEU B 138 16.48 9.13 -20.65
CA LEU B 138 16.18 10.44 -20.08
C LEU B 138 17.14 10.65 -18.95
N LYS B 139 17.85 11.78 -18.95
CA LYS B 139 18.83 12.04 -17.89
C LYS B 139 18.77 13.49 -17.43
N SER B 140 19.07 13.72 -16.16
CA SER B 140 19.14 15.04 -15.55
C SER B 140 20.48 15.67 -15.91
N LYS B 141 20.49 16.95 -16.25
CA LYS B 141 21.71 17.65 -16.64
C LYS B 141 22.53 18.01 -15.39
N ASP B 142 21.84 18.38 -14.29
CA ASP B 142 22.43 18.82 -13.03
C ASP B 142 21.50 18.57 -11.84
N ILE B 143 21.90 19.06 -10.64
CA ILE B 143 21.08 19.02 -9.45
C ILE B 143 21.09 20.41 -8.77
N THR B 144 19.98 20.74 -8.17
CA THR B 144 19.75 21.89 -7.28
C THR B 144 18.85 21.33 -6.18
N ASN B 145 18.76 22.03 -5.06
CA ASN B 145 17.96 21.56 -3.94
C ASN B 145 16.50 22.02 -4.13
N LYS B 146 16.19 22.57 -5.31
CA LYS B 146 14.88 23.02 -5.73
C LYS B 146 14.16 21.97 -6.61
N TYR B 147 14.88 20.95 -7.09
CA TYR B 147 14.22 19.94 -7.91
C TYR B 147 13.46 18.95 -7.04
N ALA B 148 12.35 18.42 -7.54
CA ALA B 148 11.57 17.40 -6.82
C ALA B 148 12.41 16.14 -6.60
N ASP B 149 12.11 15.42 -5.51
CA ASP B 149 12.75 14.13 -5.20
C ASP B 149 12.32 13.04 -6.17
N ALA B 150 11.07 13.09 -6.61
CA ALA B 150 10.51 12.04 -7.47
C ALA B 150 9.58 12.60 -8.52
N TYR B 151 9.33 11.80 -9.57
CA TYR B 151 8.56 12.16 -10.76
C TYR B 151 7.70 11.01 -11.23
N MSE B 152 6.58 11.35 -11.87
CA MSE B 152 5.74 10.40 -12.58
C MSE B 152 6.10 10.53 -14.04
O MSE B 152 6.05 11.64 -14.60
CB MSE B 152 4.24 10.63 -12.31
CG MSE B 152 3.33 9.57 -12.97
SE MSE B 152 3.59 7.77 -12.24
CE MSE B 152 2.61 8.02 -10.50
N ILE B 153 6.55 9.44 -14.65
CA ILE B 153 6.85 9.38 -16.09
C ILE B 153 5.71 8.63 -16.73
N SER B 154 5.08 9.24 -17.70
CA SER B 154 4.00 8.62 -18.45
C SER B 154 4.43 8.51 -19.92
N VAL B 155 4.38 7.31 -20.49
CA VAL B 155 4.73 7.11 -21.89
C VAL B 155 3.52 6.53 -22.64
N LEU B 156 2.97 7.28 -23.58
CA LEU B 156 1.91 6.83 -24.45
C LEU B 156 2.57 6.45 -25.78
N ASP B 157 2.61 5.15 -26.09
CA ASP B 157 3.20 4.68 -27.34
C ASP B 157 2.05 4.67 -28.34
N LYS B 158 1.60 5.89 -28.63
CA LYS B 158 0.45 6.27 -29.42
C LYS B 158 0.33 5.47 -30.72
N PHE B 159 1.42 5.22 -31.44
CA PHE B 159 1.25 4.56 -32.75
C PHE B 159 1.68 3.10 -32.73
N SER B 160 1.89 2.53 -31.54
CA SER B 160 2.24 1.11 -31.37
C SER B 160 0.99 0.24 -31.48
N ILE B 161 1.15 -0.96 -32.03
CA ILE B 161 0.04 -1.92 -32.15
C ILE B 161 0.15 -2.91 -30.97
N THR B 162 1.14 -2.70 -30.07
CA THR B 162 1.31 -3.55 -28.87
C THR B 162 0.52 -2.93 -27.71
N TYR B 163 -0.41 -3.71 -27.15
CA TYR B 163 -1.20 -3.22 -26.03
C TYR B 163 -1.30 -4.25 -24.93
N LEU B 164 -1.61 -3.76 -23.75
CA LEU B 164 -1.84 -4.57 -22.56
C LEU B 164 -3.32 -4.59 -22.32
N GLU B 165 -3.91 -5.79 -22.23
CA GLU B 165 -5.34 -5.92 -21.97
C GLU B 165 -5.52 -6.48 -20.56
N VAL B 166 -6.32 -5.79 -19.75
CA VAL B 166 -6.65 -6.18 -18.39
C VAL B 166 -8.16 -6.24 -18.27
N GLU B 167 -8.65 -7.37 -17.78
CA GLU B 167 -10.06 -7.66 -17.60
C GLU B 167 -10.32 -8.20 -16.19
N THR B 168 -11.24 -7.60 -15.44
CA THR B 168 -11.63 -8.15 -14.13
C THR B 168 -12.99 -8.85 -14.29
N ASP B 169 -13.37 -9.72 -13.35
CA ASP B 169 -14.67 -10.40 -13.49
C ASP B 169 -15.84 -9.44 -13.12
N SER B 170 -15.56 -8.27 -12.51
CA SER B 170 -16.53 -7.24 -12.09
C SER B 170 -15.86 -5.86 -11.92
N LEU B 171 -16.67 -4.75 -11.82
CA LEU B 171 -16.17 -3.39 -11.52
C LEU B 171 -16.55 -3.03 -10.09
N HIS B 172 -17.38 -3.88 -9.43
CA HIS B 172 -17.77 -3.67 -8.04
C HIS B 172 -17.55 -4.94 -7.24
N TYR B 173 -16.84 -4.81 -6.12
CA TYR B 173 -16.53 -5.94 -5.24
C TYR B 173 -16.86 -5.63 -3.80
N GLN B 174 -16.95 -6.67 -2.98
CA GLN B 174 -17.27 -6.50 -1.58
C GLN B 174 -16.35 -7.35 -0.73
N TYR B 175 -16.38 -7.12 0.59
CA TYR B 175 -15.59 -7.81 1.59
C TYR B 175 -15.68 -9.31 1.41
N GLY B 176 -14.53 -9.96 1.32
CA GLY B 176 -14.50 -11.41 1.19
C GLY B 176 -14.54 -11.89 -0.24
N ASP B 177 -14.82 -10.99 -1.22
CA ASP B 177 -14.83 -11.44 -2.62
C ASP B 177 -13.45 -11.76 -3.09
N LYS B 178 -13.36 -12.71 -3.99
CA LYS B 178 -12.12 -12.99 -4.67
C LYS B 178 -12.18 -12.27 -6.02
N LEU B 179 -11.26 -11.33 -6.21
CA LEU B 179 -11.16 -10.60 -7.48
C LEU B 179 -10.35 -11.44 -8.43
N LYS B 180 -10.84 -11.60 -9.65
CA LYS B 180 -10.13 -12.33 -10.68
C LYS B 180 -9.82 -11.38 -11.80
N ALA B 181 -8.56 -11.37 -12.23
CA ALA B 181 -8.10 -10.56 -13.34
C ALA B 181 -7.39 -11.42 -14.42
N THR B 182 -7.51 -11.03 -15.68
CA THR B 182 -6.82 -11.64 -16.84
C THR B 182 -5.99 -10.52 -17.40
N ILE B 183 -4.70 -10.77 -17.57
CA ILE B 183 -3.72 -9.79 -18.02
C ILE B 183 -3.06 -10.37 -19.25
N SER B 184 -3.19 -9.68 -20.39
CA SER B 184 -2.63 -10.19 -21.63
C SER B 184 -1.88 -9.13 -22.37
N LEU B 185 -0.75 -9.52 -22.94
CA LEU B 185 0.05 -8.65 -23.78
C LEU B 185 -0.15 -9.07 -25.23
N HIS B 186 -0.67 -8.16 -26.07
CA HIS B 186 -0.99 -8.45 -27.46
C HIS B 186 -0.28 -7.57 -28.48
N ASN B 187 -0.10 -8.14 -29.68
CA ASN B 187 0.43 -7.61 -30.93
C ASN B 187 -0.02 -8.61 -31.98
N ASP B 188 -0.79 -8.17 -33.01
CA ASP B 188 -1.35 -9.12 -33.99
C ASP B 188 -0.27 -9.67 -34.97
N ILE B 189 0.99 -9.23 -34.85
CA ILE B 189 2.07 -9.73 -35.72
C ILE B 189 3.09 -10.59 -34.94
N THR B 190 3.26 -10.32 -33.62
CA THR B 190 4.26 -10.93 -32.75
C THR B 190 3.66 -11.70 -31.56
N GLU B 191 4.30 -12.81 -31.21
CA GLU B 191 3.97 -13.65 -30.04
C GLU B 191 5.05 -13.43 -29.00
N TYR B 192 4.68 -12.85 -27.86
CA TYR B 192 5.61 -12.54 -26.78
C TYR B 192 5.63 -13.63 -25.72
N ASP B 193 6.71 -13.70 -24.97
CA ASP B 193 6.87 -14.50 -23.77
C ASP B 193 7.06 -13.55 -22.60
N VAL B 194 6.12 -13.56 -21.62
CA VAL B 194 6.18 -12.65 -20.48
C VAL B 194 6.46 -13.42 -19.17
N ASN B 195 7.35 -12.88 -18.33
CA ASN B 195 7.68 -13.40 -17.00
C ASN B 195 7.72 -12.26 -15.97
N ASP B 196 8.03 -11.02 -16.38
CA ASP B 196 8.12 -9.89 -15.47
C ASP B 196 6.79 -9.13 -15.52
N VAL B 197 5.87 -9.57 -14.64
CA VAL B 197 4.51 -9.05 -14.49
C VAL B 197 4.23 -8.82 -13.01
N ASP B 198 3.65 -7.66 -12.71
CA ASP B 198 3.26 -7.29 -11.34
C ASP B 198 1.85 -6.75 -11.41
N ALA B 199 1.03 -7.05 -10.40
CA ALA B 199 -0.32 -6.53 -10.34
C ALA B 199 -0.74 -6.38 -8.89
N ARG B 200 -1.42 -5.31 -8.58
CA ARG B 200 -1.86 -5.05 -7.23
C ARG B 200 -3.11 -4.24 -7.21
N LEU B 201 -3.76 -4.24 -6.06
CA LEU B 201 -4.95 -3.45 -5.79
C LEU B 201 -4.56 -2.32 -4.85
N VAL B 202 -4.85 -1.07 -5.21
CA VAL B 202 -4.46 0.12 -4.43
C VAL B 202 -5.73 0.77 -3.92
N GLY B 203 -5.80 0.90 -2.60
CA GLY B 203 -6.95 1.50 -1.94
C GLY B 203 -6.82 2.99 -1.68
N PRO B 204 -7.96 3.64 -1.33
CA PRO B 204 -7.98 5.10 -1.07
C PRO B 204 -6.99 5.59 0.00
N LYS B 205 -6.64 4.74 0.97
CA LYS B 205 -5.68 5.13 2.02
C LYS B 205 -4.23 4.72 1.68
N GLY B 206 -4.03 4.22 0.46
CA GLY B 206 -2.73 3.74 0.02
C GLY B 206 -2.44 2.31 0.44
N GLN B 207 -3.44 1.60 0.96
CA GLN B 207 -3.26 0.18 1.34
C GLN B 207 -3.14 -0.65 0.05
N VAL B 208 -2.28 -1.64 0.08
CA VAL B 208 -2.03 -2.45 -1.09
C VAL B 208 -2.43 -3.92 -0.84
N ILE B 209 -3.11 -4.52 -1.84
CA ILE B 209 -3.43 -5.94 -1.85
C ILE B 209 -2.79 -6.44 -3.11
N SER B 210 -1.71 -7.22 -2.99
CA SER B 210 -1.02 -7.74 -4.17
C SER B 210 -1.85 -8.86 -4.82
N LEU B 211 -1.79 -9.01 -6.15
CA LEU B 211 -2.48 -10.12 -6.80
C LEU B 211 -1.54 -11.30 -6.87
N ASN B 212 -2.07 -12.51 -6.65
CA ASN B 212 -1.30 -13.72 -6.82
C ASN B 212 -1.49 -14.14 -8.27
N LEU B 213 -0.38 -14.24 -9.02
CA LEU B 213 -0.46 -14.51 -10.44
C LEU B 213 -0.06 -15.91 -10.86
N THR B 214 -0.73 -16.39 -11.90
CA THR B 214 -0.41 -17.69 -12.50
C THR B 214 -0.31 -17.45 -13.99
N LYS B 215 0.74 -17.98 -14.62
CA LYS B 215 0.96 -17.87 -16.06
C LYS B 215 0.03 -18.84 -16.77
N LEU B 216 -0.85 -18.36 -17.65
CA LEU B 216 -1.80 -19.22 -18.37
C LEU B 216 -1.25 -19.59 -19.77
N LYS B 217 -0.59 -18.62 -20.43
CA LYS B 217 0.03 -18.68 -21.76
C LYS B 217 1.32 -17.89 -21.72
N SER B 218 2.14 -17.96 -22.80
CA SER B 218 3.37 -17.17 -22.87
C SER B 218 3.10 -15.67 -22.67
N ASN B 219 1.95 -15.16 -23.18
CA ASN B 219 1.61 -13.74 -23.05
C ASN B 219 0.34 -13.47 -22.17
N VAL B 220 -0.16 -14.46 -21.43
CA VAL B 220 -1.40 -14.31 -20.64
C VAL B 220 -1.19 -14.79 -19.20
N PHE B 221 -1.65 -13.96 -18.27
CA PHE B 221 -1.60 -14.23 -16.83
C PHE B 221 -2.98 -14.10 -16.22
N GLU B 222 -3.27 -14.91 -15.21
CA GLU B 222 -4.47 -14.79 -14.39
C GLU B 222 -4.06 -14.34 -12.99
N GLY B 223 -4.83 -13.47 -12.38
CA GLY B 223 -4.48 -12.97 -11.05
C GLY B 223 -5.66 -13.01 -10.14
N THR B 224 -5.43 -13.34 -8.87
CA THR B 224 -6.48 -13.34 -7.86
C THR B 224 -6.00 -12.65 -6.60
N ALA B 225 -6.95 -12.08 -5.87
CA ALA B 225 -6.76 -11.53 -4.53
C ALA B 225 -8.08 -11.52 -3.80
N THR B 226 -8.03 -11.68 -2.49
CA THR B 226 -9.19 -11.58 -1.61
C THR B 226 -9.28 -10.15 -1.17
N LEU B 227 -10.46 -9.58 -1.28
CA LEU B 227 -10.64 -8.20 -0.87
C LEU B 227 -11.10 -8.26 0.57
N ASP B 228 -10.24 -7.86 1.50
CA ASP B 228 -10.59 -8.00 2.90
C ASP B 228 -10.26 -6.73 3.69
N SER B 229 -10.30 -5.56 3.03
CA SER B 229 -10.16 -4.29 3.75
C SER B 229 -11.46 -4.08 4.55
N GLU B 230 -11.36 -3.71 5.85
CA GLU B 230 -12.56 -3.53 6.69
C GLU B 230 -13.00 -2.06 6.79
N LEU B 231 -12.28 -1.18 6.09
CA LEU B 231 -12.49 0.26 6.15
C LEU B 231 -13.53 0.74 5.18
N ASN B 232 -14.27 1.79 5.59
CA ASN B 232 -15.23 2.51 4.77
C ASN B 232 -14.43 3.37 3.79
N ASP B 233 -14.67 3.23 2.49
CA ASP B 233 -13.91 3.98 1.49
C ASP B 233 -14.47 5.40 1.29
N ARG B 234 -15.67 5.71 1.88
CA ARG B 234 -16.39 6.99 1.85
C ARG B 234 -16.51 7.54 0.40
N GLY B 235 -17.05 6.72 -0.50
CA GLY B 235 -17.24 7.10 -1.89
C GLY B 235 -16.02 6.97 -2.79
N GLU B 236 -14.78 6.89 -2.21
CA GLU B 236 -13.55 6.77 -2.99
C GLU B 236 -13.38 5.35 -3.57
N ASN B 237 -12.66 5.25 -4.70
CA ASN B 237 -12.45 3.97 -5.39
C ASN B 237 -11.04 3.41 -5.23
N TRP B 238 -10.96 2.11 -5.53
CA TRP B 238 -9.73 1.32 -5.60
C TRP B 238 -9.25 1.28 -7.02
N TYR B 239 -8.03 0.84 -7.24
CA TYR B 239 -7.62 0.60 -8.61
C TYR B 239 -6.73 -0.62 -8.68
N LEU B 240 -6.92 -1.34 -9.78
CA LEU B 240 -6.10 -2.47 -10.22
C LEU B 240 -4.99 -1.87 -11.05
N GLU B 241 -3.76 -2.03 -10.57
CA GLU B 241 -2.56 -1.51 -11.22
C GLU B 241 -1.73 -2.68 -11.70
N THR B 242 -1.38 -2.69 -12.98
CA THR B 242 -0.60 -3.79 -13.57
C THR B 242 0.63 -3.24 -14.28
N ASP B 243 1.76 -3.96 -14.22
CA ASP B 243 3.00 -3.57 -14.91
C ASP B 243 3.59 -4.81 -15.52
N VAL B 244 3.93 -4.73 -16.79
CA VAL B 244 4.48 -5.83 -17.54
C VAL B 244 5.71 -5.37 -18.28
N GLN B 245 6.77 -6.23 -18.29
CA GLN B 245 7.97 -5.95 -19.10
C GLN B 245 8.53 -7.23 -19.70
N THR B 246 8.87 -7.18 -20.97
CA THR B 246 9.53 -8.31 -21.65
C THR B 246 10.45 -7.73 -22.74
N GLU B 247 11.11 -8.60 -23.50
CA GLU B 247 12.02 -8.23 -24.58
C GLU B 247 11.71 -9.05 -25.82
N TYR B 248 11.73 -8.40 -26.97
CA TYR B 248 11.54 -9.05 -28.26
C TYR B 248 12.61 -8.51 -29.17
N GLY B 249 13.63 -9.33 -29.35
CA GLY B 249 14.83 -8.97 -30.11
C GLY B 249 15.65 -8.08 -29.20
N GLN B 250 15.96 -6.87 -29.67
CA GLN B 250 16.68 -5.89 -28.87
C GLN B 250 15.72 -4.75 -28.47
N GLU B 251 14.41 -5.05 -28.46
CA GLU B 251 13.38 -4.10 -28.09
C GLU B 251 12.77 -4.43 -26.73
N ILE B 252 12.69 -3.42 -25.87
CA ILE B 252 12.02 -3.49 -24.56
C ILE B 252 10.51 -3.26 -24.81
N ILE B 253 9.67 -4.20 -24.34
CA ILE B 253 8.22 -4.14 -24.39
C ILE B 253 7.76 -3.85 -22.97
N ARG B 254 7.26 -2.65 -22.75
CA ARG B 254 6.81 -2.23 -21.43
C ARG B 254 5.40 -1.65 -21.51
N ARG B 255 4.49 -2.22 -20.71
CA ARG B 255 3.13 -1.73 -20.62
C ARG B 255 2.66 -1.76 -19.19
N SER B 256 1.91 -0.76 -18.82
CA SER B 256 1.27 -0.60 -17.50
CA SER B 256 1.28 -0.71 -17.51
C SER B 256 -0.20 -0.40 -17.68
N GLY B 257 -1.00 -0.83 -16.71
CA GLY B 257 -2.44 -0.62 -16.73
C GLY B 257 -2.94 -0.07 -15.40
N HIS B 258 -4.08 0.61 -15.45
CA HIS B 258 -4.80 1.20 -14.29
CA HIS B 258 -4.77 1.18 -14.30
C HIS B 258 -6.28 1.07 -14.53
N THR B 259 -7.00 0.26 -13.73
CA THR B 259 -8.46 0.14 -13.86
C THR B 259 -9.09 0.45 -12.49
N ALA B 260 -9.92 1.50 -12.39
CA ALA B 260 -10.62 1.83 -11.14
C ALA B 260 -11.78 0.85 -10.92
N PHE B 261 -12.01 0.47 -9.65
CA PHE B 261 -13.12 -0.42 -9.35
C PHE B 261 -13.71 0.04 -8.02
N SER B 262 -14.95 -0.30 -7.78
CA SER B 262 -15.64 0.09 -6.57
C SER B 262 -15.56 -1.04 -5.53
N TYR B 263 -15.41 -0.69 -4.26
CA TYR B 263 -15.39 -1.69 -3.17
C TYR B 263 -16.29 -1.26 -2.02
N SER B 264 -17.05 -2.22 -1.45
CA SER B 264 -17.90 -1.91 -0.31
C SER B 264 -17.94 -3.03 0.71
N ILE B 265 -18.38 -2.70 1.91
CA ILE B 265 -18.58 -3.65 2.98
C ILE B 265 -20.06 -4.05 2.95
N PRO B 266 -20.41 -5.37 2.97
CA PRO B 266 -21.83 -5.77 2.91
C PRO B 266 -22.52 -5.49 4.25
N SER B 267 -22.73 -4.21 4.55
CA SER B 267 -23.30 -3.72 5.81
C SER B 267 -24.78 -4.11 5.99
N ALA B 268 -25.46 -4.52 4.91
CA ALA B 268 -26.87 -4.93 4.93
C ALA B 268 -27.19 -5.79 3.71
N SER B 269 -28.14 -6.73 3.86
CA SER B 269 -28.55 -7.60 2.76
C SER B 269 -30.05 -7.75 2.67
N LEU B 270 -30.54 -7.92 1.43
CA LEU B 270 -31.94 -8.19 1.13
C LEU B 270 -32.11 -9.69 1.16
N MSE B 271 -33.16 -10.21 1.83
CA MSE B 271 -33.33 -11.67 1.98
C MSE B 271 -34.56 -12.20 1.24
O MSE B 271 -34.41 -13.17 0.48
CB MSE B 271 -33.43 -12.05 3.46
CG MSE B 271 -32.20 -11.68 4.29
SE MSE B 271 -32.48 -11.85 6.23
CE MSE B 271 -32.85 -13.83 6.34
N ASN B 272 -35.74 -11.62 1.46
CA ASN B 272 -36.99 -12.08 0.87
C ASN B 272 -37.82 -10.91 0.37
N VAL B 273 -38.46 -11.06 -0.80
CA VAL B 273 -39.33 -10.02 -1.35
C VAL B 273 -40.70 -10.66 -1.67
N LYS B 274 -41.78 -9.96 -1.27
CA LYS B 274 -43.14 -10.40 -1.52
C LYS B 274 -44.03 -9.19 -1.86
N LYS B 275 -45.06 -9.44 -2.67
CA LYS B 275 -46.03 -8.44 -3.08
C LYS B 275 -47.14 -8.40 -2.02
N LEU B 276 -47.42 -7.19 -1.50
CA LEU B 276 -48.47 -6.96 -0.50
C LEU B 276 -49.82 -6.68 -1.16
N SER B 277 -49.83 -5.75 -2.13
CA SER B 277 -51.03 -5.30 -2.84
C SER B 277 -50.72 -5.00 -4.32
N SER B 278 -51.79 -4.96 -5.15
CA SER B 278 -51.68 -4.67 -6.58
C SER B 278 -52.27 -3.29 -6.87
N LYS B 279 -53.05 -2.74 -5.92
CA LYS B 279 -53.69 -1.44 -6.02
C LYS B 279 -53.64 -0.71 -4.65
N PRO B 280 -52.59 0.11 -4.39
CA PRO B 280 -51.42 0.36 -5.25
C PRO B 280 -50.39 -0.79 -5.17
N LEU B 281 -49.55 -0.94 -6.22
CA LEU B 281 -48.49 -1.97 -6.28
C LEU B 281 -47.53 -1.79 -5.12
N THR B 282 -47.70 -2.57 -4.04
CA THR B 282 -46.89 -2.44 -2.84
C THR B 282 -46.19 -3.76 -2.54
N PHE B 283 -44.89 -3.65 -2.20
CA PHE B 283 -44.03 -4.78 -1.90
C PHE B 283 -43.34 -4.58 -0.57
N VAL B 284 -42.89 -5.69 0.04
CA VAL B 284 -42.12 -5.70 1.28
C VAL B 284 -40.87 -6.57 1.10
N VAL B 285 -39.72 -6.07 1.58
CA VAL B 285 -38.45 -6.76 1.51
C VAL B 285 -37.89 -6.86 2.92
N THR B 286 -37.43 -8.06 3.32
CA THR B 286 -36.77 -8.26 4.61
C THR B 286 -35.28 -7.88 4.40
N VAL B 287 -34.69 -7.19 5.41
CA VAL B 287 -33.33 -6.69 5.36
C VAL B 287 -32.60 -7.02 6.68
N ASP B 288 -31.39 -7.58 6.55
CA ASP B 288 -30.51 -7.86 7.68
C ASP B 288 -29.43 -6.77 7.70
N VAL B 289 -29.34 -5.96 8.77
CA VAL B 289 -28.42 -4.83 8.92
C VAL B 289 -27.38 -5.15 9.98
N ALA B 290 -26.07 -4.92 9.66
CA ALA B 290 -24.94 -5.15 10.57
C ALA B 290 -24.44 -3.87 11.22
N THR B 291 -24.54 -2.71 10.50
CA THR B 291 -24.06 -1.42 10.99
C THR B 291 -25.16 -0.36 10.89
N ALA B 292 -25.35 0.43 11.95
CA ALA B 292 -26.29 1.52 12.03
C ALA B 292 -25.92 2.59 11.03
N SER B 293 -26.81 2.85 10.06
CA SER B 293 -26.53 3.82 9.01
C SER B 293 -27.80 4.17 8.26
N ARG B 294 -27.69 5.10 7.29
CA ARG B 294 -28.80 5.46 6.41
C ARG B 294 -28.70 4.61 5.15
N TYR B 295 -29.77 3.90 4.84
CA TYR B 295 -29.81 3.02 3.67
C TYR B 295 -30.94 3.40 2.72
N ALA B 296 -30.75 3.16 1.44
CA ALA B 296 -31.81 3.40 0.45
C ALA B 296 -32.08 2.15 -0.35
N LEU B 297 -33.31 1.75 -0.38
CA LEU B 297 -33.77 0.61 -1.17
C LEU B 297 -34.32 1.16 -2.45
N GLN B 298 -33.70 0.79 -3.58
CA GLN B 298 -34.17 1.24 -4.87
C GLN B 298 -34.63 0.02 -5.69
N SER B 299 -35.81 0.12 -6.30
CA SER B 299 -36.40 -0.94 -7.12
C SER B 299 -36.95 -0.36 -8.40
N VAL B 300 -37.01 -1.17 -9.46
CA VAL B 300 -37.53 -0.74 -10.75
C VAL B 300 -38.60 -1.72 -11.23
N LEU B 301 -39.72 -1.15 -11.65
CA LEU B 301 -40.84 -1.88 -12.25
C LEU B 301 -40.61 -1.93 -13.78
N PHE B 302 -40.64 -3.15 -14.32
CA PHE B 302 -40.47 -3.42 -15.74
C PHE B 302 -41.80 -3.87 -16.33
N GLN B 303 -41.95 -3.67 -17.64
CA GLN B 303 -43.13 -4.08 -18.40
C GLN B 303 -42.72 -5.02 -19.52
N LYS B 304 -43.44 -6.12 -19.72
CA LYS B 304 -43.15 -7.08 -20.79
C LYS B 304 -44.47 -7.64 -21.35
N ASN B 305 -44.91 -7.13 -22.51
CA ASN B 305 -46.16 -7.56 -23.15
C ASN B 305 -45.89 -8.24 -24.49
N GLY B 308 -44.04 -7.66 -28.25
CA GLY B 308 -43.14 -6.66 -27.70
C GLY B 308 -42.00 -7.26 -26.89
N GLU B 309 -41.27 -6.38 -26.14
CA GLU B 309 -40.10 -6.72 -25.31
C GLU B 309 -40.19 -6.03 -23.90
N ALA B 310 -39.22 -6.35 -23.02
CA ALA B 310 -39.13 -5.86 -21.64
C ALA B 310 -38.38 -4.52 -21.53
N ARG B 311 -38.98 -3.55 -20.79
CA ARG B 311 -38.42 -2.20 -20.59
C ARG B 311 -38.80 -1.62 -19.19
N PRO B 312 -37.89 -0.83 -18.57
CA PRO B 312 -38.21 -0.23 -17.25
C PRO B 312 -39.22 0.91 -17.36
N ILE B 313 -40.15 1.01 -16.38
CA ILE B 313 -41.18 2.06 -16.46
C ILE B 313 -41.21 2.97 -15.24
N GLN B 314 -40.87 2.48 -14.04
CA GLN B 314 -40.88 3.36 -12.86
C GLN B 314 -39.84 2.89 -11.83
N THR B 315 -39.24 3.83 -11.09
CA THR B 315 -38.30 3.56 -10.02
C THR B 315 -38.96 3.99 -8.71
N SER B 316 -38.77 3.19 -7.66
CA SER B 316 -39.24 3.42 -6.28
C SER B 316 -38.04 3.48 -5.35
N GLN B 317 -38.02 4.43 -4.40
CA GLN B 317 -36.88 4.54 -3.47
C GLN B 317 -37.35 4.82 -2.05
N ARG B 318 -36.99 3.91 -1.14
CA ARG B 318 -37.24 3.97 0.30
C ARG B 318 -35.90 4.22 1.01
N ALA B 319 -35.71 5.43 1.57
CA ALA B 319 -34.51 5.80 2.32
C ALA B 319 -34.85 6.01 3.79
N GLN B 320 -34.15 5.30 4.70
CA GLN B 320 -34.38 5.41 6.14
C GLN B 320 -33.11 5.07 6.93
N TRP B 321 -33.13 5.42 8.23
CA TRP B 321 -32.09 5.07 9.17
C TRP B 321 -32.35 3.66 9.70
N LEU B 322 -31.34 2.76 9.63
CA LEU B 322 -31.57 1.40 10.14
C LEU B 322 -30.51 1.02 11.17
N GLU B 323 -30.94 0.59 12.37
CA GLU B 323 -30.02 0.11 13.41
C GLU B 323 -29.64 -1.34 13.11
N PRO B 324 -28.56 -1.93 13.70
CA PRO B 324 -28.29 -3.36 13.42
C PRO B 324 -29.50 -4.25 13.76
N GLY B 325 -29.74 -5.27 12.96
CA GLY B 325 -30.88 -6.17 13.16
C GLY B 325 -31.66 -6.48 11.89
N LYS B 326 -32.82 -7.15 12.06
CA LYS B 326 -33.72 -7.49 10.96
C LYS B 326 -34.81 -6.42 10.83
N HIS B 327 -35.15 -6.06 9.57
CA HIS B 327 -36.15 -5.04 9.27
C HIS B 327 -37.00 -5.45 8.03
N VAL B 328 -38.17 -4.82 7.90
CA VAL B 328 -39.07 -5.01 6.77
C VAL B 328 -39.20 -3.65 6.10
N LEU B 329 -38.73 -3.54 4.84
CA LEU B 329 -38.81 -2.29 4.08
C LEU B 329 -39.96 -2.40 3.08
N GLN B 330 -40.75 -1.35 2.99
CA GLN B 330 -41.90 -1.28 2.10
C GLN B 330 -41.67 -0.28 0.98
N PHE B 331 -42.07 -0.65 -0.25
CA PHE B 331 -41.96 0.22 -1.41
C PHE B 331 -43.19 0.02 -2.29
N THR B 332 -43.58 1.10 -3.00
CA THR B 332 -44.77 1.15 -3.84
C THR B 332 -44.45 1.72 -5.24
N PHE B 333 -45.26 1.31 -6.23
CA PHE B 333 -45.24 1.82 -7.59
C PHE B 333 -46.63 2.34 -7.99
N ASP B 334 -46.66 3.25 -8.96
CA ASP B 334 -47.87 3.70 -9.64
C ASP B 334 -48.10 2.75 -10.79
N ASN B 335 -49.33 2.63 -11.25
CA ASN B 335 -49.59 1.83 -12.45
C ASN B 335 -50.42 2.70 -13.37
N HIS B 336 -49.75 3.69 -14.03
CA HIS B 336 -50.36 4.70 -14.90
C HIS B 336 -51.22 4.08 -16.02
N ASN B 337 -50.71 3.04 -16.70
CA ASN B 337 -51.45 2.36 -17.77
C ASN B 337 -52.27 1.14 -17.24
N GLN B 338 -52.39 1.01 -15.89
CA GLN B 338 -53.14 -0.02 -15.17
C GLN B 338 -52.95 -1.39 -15.87
N LEU B 339 -51.69 -1.83 -15.88
CA LEU B 339 -51.23 -3.07 -16.49
C LEU B 339 -51.40 -4.26 -15.52
N SER B 340 -51.65 -5.46 -16.08
CA SER B 340 -51.82 -6.68 -15.27
C SER B 340 -50.46 -7.18 -14.73
N ASP B 341 -50.51 -7.98 -13.64
CA ASP B 341 -49.40 -8.60 -12.93
C ASP B 341 -48.56 -9.51 -13.85
N ASP B 342 -49.20 -10.14 -14.87
CA ASP B 342 -48.57 -11.03 -15.85
C ASP B 342 -47.64 -10.27 -16.80
N ASN B 343 -47.93 -8.98 -17.08
CA ASN B 343 -47.10 -8.12 -17.95
C ASN B 343 -46.14 -7.21 -17.15
N LEU B 344 -45.96 -7.48 -15.84
CA LEU B 344 -45.05 -6.71 -14.96
C LEU B 344 -44.10 -7.60 -14.19
N TYR B 345 -42.89 -7.06 -13.89
CA TYR B 345 -41.91 -7.77 -13.08
C TYR B 345 -40.92 -6.76 -12.42
N LEU B 346 -40.21 -7.23 -11.37
CA LEU B 346 -39.18 -6.45 -10.66
C LEU B 346 -37.84 -6.72 -11.33
N GLY B 347 -37.30 -5.68 -11.94
CA GLY B 347 -36.08 -5.74 -12.71
C GLY B 347 -34.83 -5.83 -11.89
N TYR B 348 -34.71 -4.96 -10.89
CA TYR B 348 -33.58 -4.98 -9.98
C TYR B 348 -34.03 -4.59 -8.57
N LEU B 349 -33.22 -5.00 -7.62
CA LEU B 349 -33.34 -4.71 -6.20
C LEU B 349 -31.97 -4.31 -5.74
N ARG B 350 -31.79 -3.02 -5.43
CA ARG B 350 -30.50 -2.44 -5.03
C ARG B 350 -30.60 -1.76 -3.67
N LEU B 351 -29.67 -2.06 -2.76
CA LEU B 351 -29.66 -1.42 -1.45
C LEU B 351 -28.37 -0.60 -1.31
N ILE B 352 -28.51 0.71 -1.04
CA ILE B 352 -27.37 1.64 -0.93
C ILE B 352 -27.14 2.01 0.53
N ASP B 353 -25.89 2.04 0.94
CA ASP B 353 -25.46 2.52 2.25
C ASP B 353 -24.91 3.93 2.04
N TYR B 354 -25.59 4.96 2.56
CA TYR B 354 -25.15 6.35 2.41
C TYR B 354 -23.93 6.67 3.27
N GLY B 355 -23.61 5.81 4.23
CA GLY B 355 -22.41 5.97 5.03
C GLY B 355 -21.17 5.63 4.20
N GLN B 356 -21.39 4.81 3.15
CA GLN B 356 -20.33 4.36 2.25
C GLN B 356 -20.44 5.00 0.88
N LEU B 357 -21.66 5.46 0.55
CA LEU B 357 -22.04 5.99 -0.75
C LEU B 357 -21.78 4.89 -1.80
N LYS B 358 -22.16 3.64 -1.42
CA LYS B 358 -22.01 2.41 -2.22
C LYS B 358 -23.23 1.51 -2.13
N THR B 359 -23.49 0.76 -3.21
CA THR B 359 -24.48 -0.30 -3.29
C THR B 359 -23.92 -1.42 -2.44
N VAL B 360 -24.66 -1.95 -1.47
CA VAL B 360 -24.12 -3.00 -0.59
C VAL B 360 -24.82 -4.35 -0.87
N TYR B 361 -25.89 -4.29 -1.67
CA TYR B 361 -26.61 -5.48 -2.11
C TYR B 361 -27.31 -5.16 -3.40
N GLN B 362 -27.24 -6.10 -4.38
CA GLN B 362 -27.98 -5.93 -5.62
C GLN B 362 -28.35 -7.26 -6.22
N TYR B 363 -29.56 -7.31 -6.76
CA TYR B 363 -30.12 -8.43 -7.49
C TYR B 363 -30.63 -7.87 -8.80
N ASN B 364 -29.92 -8.16 -9.91
CA ASN B 364 -30.21 -7.62 -11.24
C ASN B 364 -30.86 -8.66 -12.18
N GLN B 365 -31.63 -9.60 -11.63
CA GLN B 365 -32.32 -10.60 -12.45
C GLN B 365 -33.85 -10.39 -12.38
N PRO B 366 -34.59 -10.65 -13.49
CA PRO B 366 -36.06 -10.47 -13.47
C PRO B 366 -36.80 -11.36 -12.46
N VAL B 367 -37.80 -10.79 -11.77
CA VAL B 367 -38.66 -11.50 -10.81
C VAL B 367 -40.11 -11.17 -11.19
N LYS B 368 -40.82 -12.16 -11.79
CA LYS B 368 -42.23 -12.02 -12.17
C LYS B 368 -43.06 -11.79 -10.92
N LEU B 369 -44.11 -10.94 -11.00
CA LEU B 369 -44.95 -10.62 -9.84
C LEU B 369 -45.64 -11.89 -9.30
N SER B 370 -45.90 -12.89 -10.19
CA SER B 370 -46.50 -14.19 -9.88
C SER B 370 -45.59 -15.07 -8.98
N GLN B 371 -44.33 -14.64 -8.77
CA GLN B 371 -43.34 -15.31 -7.91
C GLN B 371 -43.34 -14.70 -6.51
CA CA C . 9.70 -11.02 -9.36
CA CA D . -38.79 12.86 -1.05
CA CA E . 9.95 -5.46 -13.02
C1 PEG F . 12.43 26.81 -32.37
O1 PEG F . 13.84 26.86 -32.19
C2 PEG F . 11.87 28.06 -32.96
O2 PEG F . 12.12 28.16 -34.36
C3 PEG F . 12.08 29.51 -34.81
C4 PEG F . 12.85 29.68 -36.07
O4 PEG F . 13.39 31.00 -36.18
OH2 1PE G . -5.69 -1.46 -16.63
C12 1PE G . -5.70 -1.40 -18.07
C22 1PE G . -6.01 0.02 -18.54
OH3 1PE G . -4.85 0.84 -18.51
C13 1PE G . -4.15 3.15 -18.28
C23 1PE G . -5.19 2.19 -18.85
OH4 1PE G . -2.93 3.07 -19.03
C14 1PE G . -0.93 4.45 -18.55
C24 1PE G . -1.77 3.23 -18.19
OH5 1PE G . -0.75 4.65 -19.95
C15 1PE G . -0.24 6.99 -20.50
C25 1PE G . 0.28 5.58 -20.29
OH6 1PE G . -1.41 7.05 -21.31
C16 1PE G . -3.08 8.50 -22.36
C26 1PE G . -1.94 8.38 -21.36
OH7 1PE G . -3.96 7.38 -22.31
#